data_7WPH
#
_entry.id   7WPH
#
_cell.length_a   50.170
_cell.length_b   266.350
_cell.length_c   112.610
_cell.angle_alpha   90.000
_cell.angle_beta   90.000
_cell.angle_gamma   90.000
#
_symmetry.space_group_name_H-M   'P 21 21 2'
#
loop_
_entity.id
_entity.type
_entity.pdbx_description
1 polymer 'Spike protein S1'
2 polymer 'FAB06 light chain'
3 polymer 'Fab06 heavy chain'
4 non-polymer 2-acetamido-2-deoxy-beta-D-glucopyranose
5 water water
#
loop_
_entity_poly.entity_id
_entity_poly.type
_entity_poly.pdbx_seq_one_letter_code
_entity_poly.pdbx_strand_id
1 'polypeptide(L)'
;SAARVQPTESIVRFPNITNLCPFGEVFNATRFASVYAWNRKRISNCVADYSVLYNSASFSTFKCYGVSPTKLNDLCFTNV
YADSFVIRGDEVRQIAPGQTGKIADYNYKLPDDFTGCVIAWNSNNLDSKVGGNYNYLYRLFRKSNLKPFERDISTEIYQA
GSTPCNGVEGFNCYFPLQSYGFQPTNGVGYQPYRVVVLSFELLHAPATVCGPKKSTNLVKNKCVNFNFNGLTGTGVLTES
NKKFLPFQQFGRDIADTTDAVRDPQTLEILDITPCS
;
A,B
2 'polypeptide(L)'
;QAVVTQPASVSGSPGQSITISCTGTSSDVGGYNYVSWYQQHPGKAPKLMIYDVSNRPSGVSNRFSGSKSGNTASLTISGL
QAEDEADYYCSSYTSSSTVVFGGGTKVTVLQPKANPTVTLFPPSSEELQANKATLVCLISDFYPGAVTVAWKADGSPVKA
GVETTKPSKQSNNKYAASSYLSLTPEQWKSHRSYSCQVTHEGSTVEKTVAPTECS
;
D,L
3 'polypeptide(L)'
;QVELQESGPGLVKPSGTLSLTCAVSGGSISSNNWWTWVRQPPGKGLEWIGEIHHSGGTNYNPSLKSRVTMSVDKSKNQFS
LNLYSVTAADTAVYYCTRDRAGGTYSGFDFWGQGTLVTVSSASTKGPSVFPLAPSSKSTSGGTAALGCLVKDYFPEPVTV
SWNSGALTSGVHTFPAVLQSSGLYSLSSVVTVPSSSLGTQTYICNVNHKPSNTKVDKRVEPKSCDKTH
;
E,H
#
# COMPACT_ATOMS: atom_id res chain seq x y z
N THR A 18 -7.87 24.75 44.00
CA THR A 18 -7.39 25.62 42.92
C THR A 18 -6.48 26.73 43.44
N ASN A 19 -5.62 27.26 42.53
CA ASN A 19 -4.62 28.30 42.78
C ASN A 19 -3.52 27.77 43.67
N LEU A 20 -3.05 26.55 43.37
CA LEU A 20 -1.98 25.96 44.16
C LEU A 20 -0.63 26.34 43.62
N CYS A 21 0.33 26.56 44.53
CA CYS A 21 1.71 26.92 44.20
C CYS A 21 2.35 25.83 43.36
N PRO A 22 3.06 26.24 42.29
CA PRO A 22 3.64 25.26 41.37
C PRO A 22 4.88 24.50 41.84
N PHE A 23 4.74 23.61 42.80
CA PHE A 23 5.85 22.78 43.26
C PHE A 23 6.25 21.73 42.22
N GLY A 24 5.31 21.29 41.39
CA GLY A 24 5.60 20.33 40.34
C GLY A 24 6.52 20.93 39.30
N GLU A 25 6.32 22.19 38.96
CA GLU A 25 7.17 22.89 38.00
C GLU A 25 8.65 22.84 38.42
N VAL A 26 8.92 22.79 39.74
CA VAL A 26 10.26 22.75 40.31
C VAL A 26 10.78 21.32 40.50
N PHE A 27 10.07 20.51 41.29
CA PHE A 27 10.43 19.14 41.64
C PHE A 27 10.39 18.15 40.49
N ASN A 28 9.39 18.25 39.63
CA ASN A 28 9.17 17.34 38.51
C ASN A 28 9.69 17.87 37.18
N ALA A 29 10.58 18.89 37.21
CA ALA A 29 11.16 19.47 36.00
C ALA A 29 11.94 18.41 35.25
N THR A 30 11.85 18.41 33.91
CA THR A 30 12.54 17.40 33.10
C THR A 30 14.07 17.44 33.30
N ARG A 31 14.67 18.65 33.16
CA ARG A 31 16.12 18.81 33.34
C ARG A 31 16.34 19.77 34.48
N PHE A 32 17.34 19.49 35.31
CA PHE A 32 17.68 20.37 36.43
C PHE A 32 18.91 21.19 36.06
N ALA A 33 19.22 22.25 36.81
CA ALA A 33 20.39 23.09 36.50
C ALA A 33 21.68 22.59 37.13
N SER A 34 22.85 22.98 36.59
CA SER A 34 24.14 22.68 37.19
C SER A 34 24.22 23.53 38.46
N VAL A 35 24.79 23.02 39.52
CA VAL A 35 24.87 23.74 40.80
C VAL A 35 25.47 25.16 40.66
N TYR A 36 26.48 25.37 39.82
CA TYR A 36 27.07 26.70 39.66
C TYR A 36 26.04 27.70 39.10
N ALA A 37 25.14 27.22 38.23
CA ALA A 37 24.14 28.01 37.56
C ALA A 37 22.74 27.71 38.07
N TRP A 38 22.64 27.51 39.41
CA TRP A 38 21.40 27.13 40.08
C TRP A 38 20.23 28.00 39.74
N ASN A 39 19.07 27.38 39.61
CA ASN A 39 17.82 28.05 39.29
C ASN A 39 17.09 28.42 40.54
N ARG A 40 16.37 29.54 40.50
CA ARG A 40 15.48 29.99 41.58
C ARG A 40 14.10 30.20 41.00
N LYS A 41 13.06 29.90 41.78
CA LYS A 41 11.67 30.08 41.38
C LYS A 41 10.97 30.85 42.47
N ARG A 42 10.37 32.01 42.14
CA ARG A 42 9.63 32.76 43.13
C ARG A 42 8.19 32.27 43.19
N ILE A 43 7.79 31.77 44.35
CA ILE A 43 6.43 31.33 44.60
C ILE A 43 5.73 32.45 45.37
N SER A 44 4.63 32.95 44.85
CA SER A 44 3.87 34.03 45.49
C SER A 44 2.42 34.06 45.00
N ASN A 45 1.50 34.61 45.82
CA ASN A 45 0.09 34.74 45.50
C ASN A 45 -0.54 33.39 45.17
N CYS A 46 -0.48 32.47 46.17
CA CYS A 46 -1.01 31.14 46.00
C CYS A 46 -1.21 30.37 47.32
N VAL A 47 -1.88 29.22 47.23
CA VAL A 47 -2.07 28.30 48.35
C VAL A 47 -1.00 27.25 48.20
N ALA A 48 -0.17 27.05 49.20
CA ALA A 48 0.88 26.05 49.13
C ALA A 48 0.50 24.78 49.83
N ASP A 49 0.14 23.68 49.11
CA ASP A 49 -0.20 22.43 49.78
C ASP A 49 1.07 21.67 49.94
N TYR A 50 1.69 21.82 51.10
CA TYR A 50 2.95 21.19 51.41
C TYR A 50 2.82 19.73 51.67
N SER A 51 1.65 19.23 52.09
CA SER A 51 1.48 17.81 52.34
C SER A 51 1.80 16.96 51.15
N VAL A 52 1.60 17.47 49.94
CA VAL A 52 2.01 16.76 48.73
C VAL A 52 3.50 16.52 48.69
N LEU A 53 4.28 17.53 49.02
CA LEU A 53 5.75 17.40 48.92
C LEU A 53 6.14 16.10 49.59
N TYR A 54 5.65 15.84 50.79
CA TYR A 54 6.04 14.62 51.53
C TYR A 54 5.49 13.39 50.82
N ASN A 55 4.21 13.39 50.47
CA ASN A 55 3.57 12.23 49.82
C ASN A 55 4.03 12.11 48.36
N SER A 56 5.00 12.90 47.94
CA SER A 56 5.52 12.91 46.58
C SER A 56 6.53 11.84 46.29
N ALA A 57 7.61 11.83 47.05
CA ALA A 57 8.72 10.94 46.79
C ALA A 57 9.39 10.63 48.10
N SER A 58 10.15 9.54 48.12
CA SER A 58 10.86 9.11 49.30
C SER A 58 12.20 9.81 49.31
N PHE A 59 12.16 11.16 49.42
CA PHE A 59 13.30 12.04 49.50
C PHE A 59 14.39 11.53 50.43
N SER A 60 15.56 11.18 49.86
CA SER A 60 16.75 10.72 50.56
C SER A 60 17.18 11.69 51.67
N THR A 61 16.89 12.98 51.51
CA THR A 61 17.23 14.05 52.44
C THR A 61 16.06 15.01 52.53
N PHE A 62 15.77 15.49 53.75
CA PHE A 62 14.73 16.45 54.02
C PHE A 62 15.08 17.08 55.36
N LYS A 63 15.86 18.16 55.35
CA LYS A 63 16.25 18.84 56.59
C LYS A 63 15.58 20.21 56.63
N CYS A 64 15.08 20.63 57.80
CA CYS A 64 14.52 21.98 57.93
C CYS A 64 15.24 22.80 58.97
N TYR A 65 15.26 24.10 58.76
CA TYR A 65 15.97 25.02 59.61
C TYR A 65 15.06 26.20 59.92
N GLY A 66 14.84 26.41 61.21
CA GLY A 66 14.01 27.49 61.67
C GLY A 66 12.53 27.31 61.41
N VAL A 67 12.11 26.08 61.03
CA VAL A 67 10.73 25.72 60.72
C VAL A 67 10.52 24.23 60.90
N SER A 68 9.27 23.84 61.17
CA SER A 68 8.84 22.46 61.17
C SER A 68 8.18 22.31 59.81
N PRO A 69 8.49 21.25 59.05
CA PRO A 69 7.83 21.07 57.75
C PRO A 69 6.31 20.95 57.85
N THR A 70 5.85 20.32 58.91
CA THR A 70 4.44 20.05 59.20
C THR A 70 3.66 21.29 59.65
N LYS A 71 4.36 22.33 60.08
CA LYS A 71 3.74 23.57 60.49
C LYS A 71 3.48 24.50 59.29
N LEU A 72 4.16 24.29 58.16
CA LEU A 72 4.07 25.11 56.97
C LEU A 72 2.65 25.28 56.42
N ASN A 73 1.76 24.29 56.60
CA ASN A 73 0.36 24.45 56.16
C ASN A 73 -0.42 25.49 56.94
N ASP A 74 0.05 25.84 58.12
CA ASP A 74 -0.59 26.81 58.97
C ASP A 74 0.10 28.19 58.90
N LEU A 75 1.17 28.31 58.12
CA LEU A 75 1.94 29.53 58.08
C LEU A 75 1.70 30.37 56.85
N CYS A 76 2.02 31.67 56.94
CA CYS A 76 1.90 32.58 55.80
C CYS A 76 3.19 33.29 55.58
N PHE A 77 3.69 33.30 54.35
CA PHE A 77 4.92 34.01 54.02
C PHE A 77 4.71 35.07 52.95
N THR A 78 5.59 36.06 52.91
CA THR A 78 5.55 37.10 51.89
C THR A 78 5.91 36.47 50.53
N ASN A 79 7.03 35.68 50.51
CA ASN A 79 7.59 34.98 49.33
C ASN A 79 8.18 33.64 49.69
N VAL A 80 8.15 32.68 48.75
CA VAL A 80 8.84 31.41 48.94
C VAL A 80 9.77 31.22 47.74
N TYR A 81 11.02 30.78 47.96
CA TYR A 81 11.97 30.59 46.85
C TYR A 81 12.38 29.15 46.76
N ALA A 82 12.28 28.55 45.58
CA ALA A 82 12.69 27.16 45.39
C ALA A 82 13.92 27.18 44.55
N ASP A 83 15.06 26.69 45.06
CA ASP A 83 16.33 26.70 44.34
C ASP A 83 16.69 25.32 43.95
N SER A 84 16.69 25.01 42.64
CA SER A 84 17.02 23.65 42.22
C SER A 84 18.32 23.59 41.47
N PHE A 85 19.00 22.45 41.60
CA PHE A 85 20.28 22.12 40.97
C PHE A 85 20.61 20.65 41.19
N VAL A 86 21.71 20.13 40.59
CA VAL A 86 22.17 18.76 40.78
C VAL A 86 23.63 18.79 41.26
N ILE A 87 23.93 17.96 42.26
CA ILE A 87 25.25 17.72 42.86
C ILE A 87 25.39 16.17 43.16
N ARG A 88 26.57 15.74 43.66
CA ARG A 88 26.78 14.33 44.07
C ARG A 88 26.19 14.11 45.46
N GLY A 89 25.86 12.86 45.80
CA GLY A 89 25.31 12.53 47.11
C GLY A 89 26.20 13.01 48.24
N ASP A 90 27.53 12.91 48.06
CA ASP A 90 28.60 13.34 48.96
C ASP A 90 28.53 14.81 49.32
N GLU A 91 28.05 15.61 48.38
CA GLU A 91 27.99 17.02 48.56
C GLU A 91 26.67 17.50 49.15
N VAL A 92 25.64 16.63 49.30
CA VAL A 92 24.36 17.08 49.85
C VAL A 92 24.52 17.62 51.27
N ARG A 93 25.46 17.04 52.04
CA ARG A 93 25.77 17.53 53.38
C ARG A 93 26.28 18.97 53.38
N GLN A 94 26.71 19.53 52.25
CA GLN A 94 27.13 20.91 52.15
C GLN A 94 25.97 21.89 51.98
N ILE A 95 24.76 21.39 51.66
CA ILE A 95 23.59 22.26 51.53
C ILE A 95 22.93 22.33 52.92
N ALA A 96 23.61 23.10 53.77
CA ALA A 96 23.32 23.37 55.16
C ALA A 96 24.10 24.61 55.60
N PRO A 97 23.59 25.36 56.60
CA PRO A 97 24.32 26.54 57.06
C PRO A 97 25.62 26.18 57.75
N GLY A 98 26.61 27.05 57.61
CA GLY A 98 27.90 26.83 58.25
C GLY A 98 28.68 25.62 57.74
N GLN A 99 28.54 25.29 56.45
CA GLN A 99 29.27 24.17 55.84
C GLN A 99 30.41 24.63 54.95
N THR A 100 31.41 23.76 54.71
CA THR A 100 32.53 24.06 53.82
C THR A 100 32.76 22.89 52.86
N GLY A 101 33.33 23.20 51.71
CA GLY A 101 33.57 22.26 50.62
C GLY A 101 33.42 22.97 49.28
N LYS A 102 33.81 22.34 48.15
CA LYS A 102 33.72 23.02 46.83
C LYS A 102 32.38 23.63 46.55
N ILE A 103 31.29 22.94 46.95
CA ILE A 103 29.96 23.43 46.64
C ILE A 103 29.60 24.61 47.54
N ALA A 104 29.82 24.45 48.85
CA ALA A 104 29.47 25.50 49.80
C ALA A 104 30.26 26.77 49.54
N ASP A 105 31.52 26.63 49.17
CA ASP A 105 32.42 27.74 48.96
C ASP A 105 32.31 28.40 47.60
N TYR A 106 32.20 27.63 46.54
CA TYR A 106 32.24 28.16 45.19
C TYR A 106 30.95 28.10 44.39
N ASN A 107 29.94 27.34 44.86
CA ASN A 107 28.75 27.13 44.05
C ASN A 107 27.42 27.62 44.62
N TYR A 108 27.03 27.14 45.81
CA TYR A 108 25.77 27.47 46.46
C TYR A 108 26.05 27.63 47.92
N LYS A 109 25.84 28.84 48.46
CA LYS A 109 26.12 29.13 49.88
C LYS A 109 24.84 29.46 50.67
N LEU A 110 24.60 28.72 51.77
CA LEU A 110 23.46 29.03 52.63
C LEU A 110 23.93 29.87 53.80
N PRO A 111 23.17 30.93 54.16
CA PRO A 111 23.58 31.75 55.32
C PRO A 111 23.45 30.97 56.62
N ASP A 112 24.12 31.46 57.71
CA ASP A 112 24.05 30.81 59.02
C ASP A 112 22.62 30.83 59.58
N ASP A 113 21.91 31.94 59.35
CA ASP A 113 20.53 32.20 59.80
C ASP A 113 19.48 31.68 58.81
N PHE A 114 19.79 30.62 58.09
CA PHE A 114 18.89 30.09 57.08
C PHE A 114 17.51 29.63 57.65
N THR A 115 16.44 30.01 56.94
CA THR A 115 15.10 29.62 57.34
C THR A 115 14.33 28.97 56.18
N GLY A 116 14.40 27.65 56.15
CA GLY A 116 13.73 26.88 55.12
C GLY A 116 14.07 25.41 55.15
N CYS A 117 13.78 24.71 54.05
CA CYS A 117 14.04 23.29 53.97
C CYS A 117 14.91 22.95 52.78
N VAL A 118 15.74 21.90 52.95
CA VAL A 118 16.62 21.36 51.94
C VAL A 118 16.10 19.96 51.65
N ILE A 119 15.69 19.69 50.42
CA ILE A 119 15.09 18.41 50.04
C ILE A 119 15.92 17.85 48.93
N ALA A 120 16.48 16.66 49.11
CA ALA A 120 17.30 16.04 48.06
C ALA A 120 16.89 14.60 47.82
N TRP A 121 17.09 14.11 46.59
CA TRP A 121 16.75 12.75 46.22
C TRP A 121 17.62 12.26 45.08
N ASN A 122 17.89 10.93 45.05
CA ASN A 122 18.75 10.31 44.05
C ASN A 122 18.08 10.31 42.72
N SER A 123 18.78 10.81 41.74
CA SER A 123 18.30 10.88 40.38
C SER A 123 19.32 10.20 39.44
N ASN A 124 19.81 9.02 39.85
CA ASN A 124 20.74 8.25 39.04
C ASN A 124 20.03 7.77 37.78
N ASN A 125 18.76 7.37 37.91
CA ASN A 125 18.02 6.87 36.76
C ASN A 125 17.82 7.97 35.69
N LEU A 126 17.53 9.20 36.13
CA LEU A 126 17.31 10.30 35.20
C LEU A 126 18.55 11.01 34.76
N ASP A 127 19.46 11.29 35.68
CA ASP A 127 20.59 12.16 35.37
C ASP A 127 21.90 11.50 35.02
N SER A 128 22.17 10.26 35.41
CA SER A 128 23.42 9.63 35.00
C SER A 128 23.23 8.81 33.72
N LYS A 129 24.28 8.75 32.93
CA LYS A 129 24.25 8.13 31.63
C LYS A 129 25.51 7.32 31.42
N VAL A 130 25.41 6.20 30.71
CA VAL A 130 26.58 5.39 30.42
C VAL A 130 27.52 6.18 29.51
N GLY A 131 28.75 6.33 29.94
CA GLY A 131 29.72 7.14 29.22
C GLY A 131 29.82 8.55 29.77
N GLY A 132 28.92 8.90 30.70
CA GLY A 132 28.89 10.18 31.38
C GLY A 132 27.81 11.16 30.93
N ASN A 133 27.20 11.85 31.89
CA ASN A 133 26.30 12.94 31.61
C ASN A 133 27.12 14.17 31.97
N TYR A 134 27.57 14.87 30.93
CA TYR A 134 28.42 16.01 31.11
C TYR A 134 27.71 17.32 31.11
N ASN A 135 26.37 17.34 31.19
CA ASN A 135 25.65 18.60 31.29
C ASN A 135 25.80 19.25 32.68
N TYR A 136 26.03 18.42 33.70
CA TYR A 136 26.11 18.85 35.10
C TYR A 136 27.50 19.26 35.46
N LEU A 137 27.64 20.55 35.74
CA LEU A 137 28.90 21.22 36.02
C LEU A 137 28.91 21.85 37.39
N TYR A 138 30.10 22.14 37.87
CA TYR A 138 30.31 22.86 39.12
C TYR A 138 31.57 23.71 38.96
N ARG A 139 31.69 24.79 39.72
CA ARG A 139 32.86 25.65 39.66
C ARG A 139 33.97 25.02 40.48
N LEU A 140 35.07 24.68 39.83
CA LEU A 140 36.21 24.05 40.49
C LEU A 140 37.24 25.09 41.00
N PHE A 141 37.32 26.24 40.33
CA PHE A 141 38.27 27.28 40.66
C PHE A 141 37.58 28.62 40.91
N ARG A 142 38.09 29.38 41.89
CA ARG A 142 37.57 30.71 42.17
C ARG A 142 38.53 31.47 43.06
N LYS A 143 38.60 32.78 42.89
CA LYS A 143 39.51 33.61 43.68
C LYS A 143 39.07 33.76 45.13
N SER A 144 37.78 33.63 45.41
CA SER A 144 37.27 33.78 46.77
C SER A 144 36.01 32.94 47.00
N ASN A 145 35.50 32.90 48.23
CA ASN A 145 34.30 32.14 48.54
C ASN A 145 33.06 33.00 48.30
N LEU A 146 31.98 32.37 47.91
CA LEU A 146 30.72 33.05 47.65
C LEU A 146 30.10 33.57 48.93
N LYS A 147 29.42 34.70 48.84
CA LYS A 147 28.61 35.19 49.95
C LYS A 147 27.29 34.40 49.88
N PRO A 148 26.61 34.16 51.03
CA PRO A 148 25.34 33.40 50.97
C PRO A 148 24.34 33.89 49.93
N PHE A 149 23.84 32.97 49.10
CA PHE A 149 22.91 33.18 48.02
C PHE A 149 23.51 33.87 46.79
N GLU A 150 24.86 33.97 46.71
CA GLU A 150 25.52 34.55 45.54
C GLU A 150 25.44 33.50 44.44
N ARG A 151 25.56 33.91 43.19
CA ARG A 151 25.48 32.99 42.06
C ARG A 151 26.50 33.42 41.03
N ASP A 152 27.59 32.66 40.85
CA ASP A 152 28.63 33.04 39.89
C ASP A 152 28.59 32.19 38.63
N ILE A 153 28.30 32.85 37.51
CA ILE A 153 28.11 32.28 36.18
C ILE A 153 29.31 32.55 35.21
N SER A 154 30.22 33.45 35.60
CA SER A 154 31.38 33.85 34.82
C SER A 154 32.29 32.70 34.44
N THR A 155 32.53 32.53 33.14
CA THR A 155 33.43 31.49 32.67
C THR A 155 34.81 32.10 32.37
N GLU A 156 35.26 33.05 33.20
CA GLU A 156 36.56 33.66 33.00
C GLU A 156 37.70 32.72 33.39
N ILE A 157 38.76 32.69 32.59
CA ILE A 157 39.93 31.86 32.80
C ILE A 157 40.58 32.11 34.17
N TYR A 158 40.75 31.03 34.94
CA TYR A 158 41.35 31.04 36.26
C TYR A 158 42.86 31.01 36.18
N GLN A 159 43.52 32.00 36.77
CA GLN A 159 44.96 32.04 36.80
C GLN A 159 45.58 31.24 37.94
N ALA A 160 46.03 30.01 37.68
CA ALA A 160 46.65 29.18 38.71
C ALA A 160 48.12 29.54 38.97
N GLY A 161 48.82 29.99 37.93
CA GLY A 161 50.22 30.38 38.06
C GLY A 161 50.35 31.82 38.53
N SER A 162 51.60 32.27 38.75
CA SER A 162 51.83 33.65 39.14
C SER A 162 51.71 34.57 37.92
N THR A 163 52.08 34.09 36.74
CA THR A 163 51.99 34.88 35.50
C THR A 163 50.52 35.00 35.04
N PRO A 164 50.12 36.19 34.52
CA PRO A 164 48.72 36.37 34.08
C PRO A 164 48.32 35.65 32.81
N CYS A 165 47.02 35.37 32.69
CA CYS A 165 46.46 34.60 31.60
C CYS A 165 46.19 35.37 30.36
N ASN A 166 45.71 36.61 30.53
CA ASN A 166 45.29 37.48 29.42
C ASN A 166 44.07 36.85 28.72
N GLY A 167 43.15 36.28 29.50
CA GLY A 167 41.95 35.63 29.00
C GLY A 167 42.13 34.43 28.09
N VAL A 168 43.38 33.92 27.98
CA VAL A 168 43.65 32.79 27.10
C VAL A 168 43.92 31.52 27.88
N GLU A 169 43.09 30.49 27.65
CA GLU A 169 43.21 29.20 28.32
C GLU A 169 44.52 28.51 27.92
N GLY A 170 45.09 27.72 28.82
CA GLY A 170 46.34 27.02 28.53
C GLY A 170 47.02 26.44 29.75
N PHE A 171 48.35 26.54 29.75
CA PHE A 171 49.18 26.03 30.84
C PHE A 171 49.06 26.99 32.02
N ASN A 172 48.80 26.46 33.23
CA ASN A 172 48.61 27.29 34.42
C ASN A 172 47.43 28.27 34.32
N CYS A 173 46.55 28.08 33.33
CA CYS A 173 45.41 28.96 33.05
C CYS A 173 44.24 28.10 32.72
N TYR A 174 43.35 27.88 33.67
CA TYR A 174 42.27 26.92 33.52
C TYR A 174 40.88 27.46 33.38
N PHE A 175 40.04 26.73 32.65
CA PHE A 175 38.63 27.03 32.55
C PHE A 175 38.04 26.71 33.92
N PRO A 176 37.27 27.64 34.49
CA PRO A 176 36.81 27.47 35.89
C PRO A 176 35.84 26.33 36.19
N LEU A 177 34.95 25.98 35.27
CA LEU A 177 33.95 24.94 35.51
C LEU A 177 34.48 23.56 35.24
N GLN A 178 33.96 22.57 35.99
CA GLN A 178 34.33 21.16 35.93
C GLN A 178 33.06 20.33 35.78
N SER A 179 33.06 19.36 34.89
CA SER A 179 31.92 18.50 34.69
C SER A 179 31.93 17.33 35.69
N TYR A 180 30.76 16.74 35.95
CA TYR A 180 30.65 15.58 36.84
C TYR A 180 30.73 14.25 36.06
N GLY A 181 30.21 14.21 34.83
CA GLY A 181 30.23 13.00 34.02
C GLY A 181 29.55 11.80 34.66
N PHE A 182 28.38 12.02 35.22
CA PHE A 182 27.58 11.03 35.93
C PHE A 182 27.33 9.74 35.15
N GLN A 183 27.78 8.62 35.72
CA GLN A 183 27.61 7.28 35.16
C GLN A 183 26.85 6.43 36.15
N PRO A 184 25.97 5.54 35.68
CA PRO A 184 25.14 4.77 36.62
C PRO A 184 25.90 3.79 37.49
N THR A 185 27.05 3.35 36.98
CA THR A 185 27.92 2.41 37.67
C THR A 185 28.69 3.03 38.85
N ASN A 186 28.64 4.35 39.02
CA ASN A 186 29.34 5.01 40.11
C ASN A 186 28.74 4.63 41.48
N GLY A 187 29.50 4.86 42.56
CA GLY A 187 29.01 4.58 43.90
C GLY A 187 27.87 5.51 44.28
N VAL A 188 27.04 5.12 45.27
CA VAL A 188 25.89 5.95 45.68
C VAL A 188 26.33 7.39 46.08
N GLY A 189 27.52 7.51 46.66
CA GLY A 189 28.05 8.80 47.05
C GLY A 189 28.34 9.69 45.86
N TYR A 190 28.72 9.10 44.74
CA TYR A 190 29.07 9.82 43.51
C TYR A 190 27.96 9.91 42.50
N GLN A 191 26.74 9.56 42.86
CA GLN A 191 25.62 9.62 41.95
C GLN A 191 24.95 11.00 41.97
N PRO A 192 24.22 11.35 40.90
CA PRO A 192 23.52 12.64 40.90
C PRO A 192 22.32 12.64 41.83
N TYR A 193 22.18 13.76 42.56
CA TYR A 193 21.11 13.99 43.47
C TYR A 193 20.50 15.31 43.07
N ARG A 194 19.17 15.34 42.88
CA ARG A 194 18.45 16.56 42.58
C ARG A 194 18.11 17.18 43.90
N VAL A 195 18.31 18.50 44.04
CA VAL A 195 18.14 19.22 45.30
C VAL A 195 17.22 20.40 45.13
N VAL A 196 16.28 20.60 46.04
CA VAL A 196 15.38 21.73 46.02
C VAL A 196 15.50 22.37 47.38
N VAL A 197 15.95 23.62 47.43
CA VAL A 197 16.11 24.34 48.70
C VAL A 197 14.97 25.34 48.80
N LEU A 198 14.07 25.14 49.75
CA LEU A 198 12.92 26.03 49.94
C LEU A 198 13.28 27.08 50.98
N SER A 199 13.14 28.35 50.63
CA SER A 199 13.43 29.48 51.53
C SER A 199 12.13 30.24 51.76
N PHE A 200 11.83 30.53 53.01
CA PHE A 200 10.55 31.19 53.34
C PHE A 200 10.87 32.62 53.78
N GLU A 201 10.15 33.58 53.24
CA GLU A 201 10.46 35.00 53.53
C GLU A 201 9.26 35.72 54.11
N LEU A 202 9.44 36.33 55.27
CA LEU A 202 8.36 37.12 55.89
C LEU A 202 8.87 38.56 55.95
N LEU A 203 8.20 39.46 55.25
CA LEU A 203 8.69 40.84 55.17
C LEU A 203 7.66 41.79 55.77
N HIS A 204 7.89 43.10 55.67
CA HIS A 204 6.97 44.11 56.24
C HIS A 204 5.93 44.43 55.18
N ALA A 205 5.52 43.42 54.45
CA ALA A 205 4.50 43.50 53.42
C ALA A 205 3.48 42.38 53.69
N PRO A 206 2.26 42.44 53.10
CA PRO A 206 1.29 41.35 53.35
C PRO A 206 1.83 39.97 52.93
N ALA A 207 1.63 38.98 53.80
CA ALA A 207 2.01 37.61 53.50
C ALA A 207 1.00 37.07 52.46
N THR A 208 1.49 36.61 51.29
CA THR A 208 0.66 36.12 50.17
C THR A 208 0.68 34.63 49.94
N VAL A 209 1.70 33.91 50.45
CA VAL A 209 1.84 32.48 50.24
C VAL A 209 1.40 31.78 51.48
N CYS A 210 0.23 31.14 51.45
CA CYS A 210 -0.30 30.51 52.65
C CYS A 210 -0.63 29.03 52.52
N GLY A 211 -0.57 28.31 53.63
CA GLY A 211 -0.97 26.91 53.65
C GLY A 211 -2.47 26.78 53.56
N PRO A 212 -3.00 25.59 53.21
CA PRO A 212 -4.46 25.43 53.14
C PRO A 212 -4.99 25.45 54.57
N LYS A 213 -5.88 26.41 54.87
CA LYS A 213 -6.43 26.68 56.22
C LYS A 213 -5.64 26.04 57.44
N THR B 18 -22.57 -2.15 29.90
CA THR B 18 -23.37 -2.47 28.69
C THR B 18 -22.66 -1.90 27.45
N ASN B 19 -23.09 -2.27 26.24
CA ASN B 19 -22.40 -1.83 24.99
C ASN B 19 -23.43 -1.20 24.04
N LEU B 20 -23.01 -0.61 22.91
CA LEU B 20 -24.05 0.01 22.07
C LEU B 20 -24.91 -0.97 21.21
N CYS B 21 -26.13 -0.55 20.81
CA CYS B 21 -27.07 -1.35 20.01
C CYS B 21 -26.77 -1.20 18.53
N PRO B 22 -26.76 -2.32 17.80
CA PRO B 22 -26.39 -2.28 16.38
C PRO B 22 -27.45 -1.75 15.40
N PHE B 23 -27.70 -0.44 15.44
CA PHE B 23 -28.64 0.17 14.51
C PHE B 23 -28.09 0.24 13.07
N GLY B 24 -26.77 0.32 12.94
CA GLY B 24 -26.14 0.34 11.62
C GLY B 24 -26.36 -0.98 10.90
N GLU B 25 -26.31 -2.10 11.62
CA GLU B 25 -26.55 -3.43 11.05
C GLU B 25 -27.92 -3.50 10.35
N VAL B 26 -28.90 -2.73 10.85
CA VAL B 26 -30.26 -2.68 10.32
C VAL B 26 -30.44 -1.61 9.23
N PHE B 27 -30.18 -0.35 9.57
CA PHE B 27 -30.36 0.82 8.72
C PHE B 27 -29.41 0.89 7.53
N ASN B 28 -28.15 0.55 7.75
CA ASN B 28 -27.11 0.62 6.72
C ASN B 28 -26.82 -0.72 6.03
N ALA B 29 -27.75 -1.70 6.14
CA ALA B 29 -27.61 -3.00 5.50
C ALA B 29 -27.52 -2.83 4.00
N THR B 30 -26.67 -3.61 3.33
CA THR B 30 -26.46 -3.45 1.90
C THR B 30 -27.74 -3.79 1.09
N ARG B 31 -28.40 -4.93 1.37
CA ARG B 31 -29.64 -5.28 0.71
C ARG B 31 -30.72 -5.40 1.77
N PHE B 32 -31.91 -4.91 1.44
CA PHE B 32 -33.06 -5.00 2.34
C PHE B 32 -33.95 -6.16 1.89
N ALA B 33 -34.88 -6.60 2.75
CA ALA B 33 -35.76 -7.71 2.39
C ALA B 33 -37.02 -7.27 1.64
N SER B 34 -37.67 -8.17 0.90
CA SER B 34 -38.95 -7.89 0.25
C SER B 34 -39.97 -7.80 1.39
N VAL B 35 -40.93 -6.89 1.30
CA VAL B 35 -41.92 -6.71 2.38
C VAL B 35 -42.62 -8.02 2.80
N TYR B 36 -42.94 -8.92 1.87
CA TYR B 36 -43.59 -10.18 2.23
C TYR B 36 -42.70 -11.04 3.16
N ALA B 37 -41.39 -10.97 2.95
CA ALA B 37 -40.39 -11.75 3.67
C ALA B 37 -39.58 -10.87 4.61
N TRP B 38 -40.25 -9.90 5.24
CA TRP B 38 -39.63 -8.92 6.11
C TRP B 38 -38.72 -9.50 7.17
N ASN B 39 -37.62 -8.81 7.41
CA ASN B 39 -36.63 -9.21 8.41
C ASN B 39 -36.88 -8.58 9.74
N ARG B 40 -36.56 -9.27 10.82
CA ARG B 40 -36.65 -8.76 12.18
C ARG B 40 -35.29 -8.93 12.85
N LYS B 41 -34.90 -7.95 13.69
CA LYS B 41 -33.64 -8.00 14.43
C LYS B 41 -33.96 -7.74 15.89
N ARG B 42 -33.57 -8.67 16.78
CA ARG B 42 -33.79 -8.47 18.20
C ARG B 42 -32.62 -7.70 18.80
N ILE B 43 -32.90 -6.52 19.34
CA ILE B 43 -31.93 -5.69 20.02
C ILE B 43 -32.16 -5.92 21.53
N SER B 44 -31.11 -6.35 22.23
CA SER B 44 -31.20 -6.59 23.67
C SER B 44 -29.82 -6.54 24.31
N ASN B 45 -29.80 -6.16 25.61
CA ASN B 45 -28.59 -6.06 26.41
C ASN B 45 -27.57 -5.09 25.81
N CYS B 46 -27.99 -3.83 25.70
CA CYS B 46 -27.20 -2.72 25.16
C CYS B 46 -27.83 -1.35 25.50
N VAL B 47 -27.21 -0.27 25.00
CA VAL B 47 -27.60 1.13 25.21
C VAL B 47 -27.71 1.79 23.82
N ALA B 48 -28.73 2.63 23.59
CA ALA B 48 -28.87 3.27 22.27
C ALA B 48 -29.44 4.66 22.27
N ASP B 49 -28.83 5.55 21.50
CA ASP B 49 -29.33 6.91 21.38
C ASP B 49 -30.35 6.98 20.27
N TYR B 50 -31.50 7.57 20.55
CA TYR B 50 -32.58 7.71 19.57
C TYR B 50 -32.71 9.15 19.01
N SER B 51 -31.97 10.12 19.51
CA SER B 51 -32.19 11.50 19.01
C SER B 51 -31.59 11.71 17.62
N VAL B 52 -30.31 11.34 17.43
CA VAL B 52 -29.60 11.59 16.15
C VAL B 52 -30.46 11.14 14.98
N LEU B 53 -31.04 9.96 15.10
CA LEU B 53 -31.88 9.45 14.01
C LEU B 53 -32.94 10.50 13.75
N TYR B 54 -33.65 10.95 14.78
CA TYR B 54 -34.76 11.89 14.53
C TYR B 54 -34.23 13.12 13.79
N ASN B 55 -33.00 13.54 14.10
CA ASN B 55 -32.50 14.66 13.32
C ASN B 55 -31.41 14.16 12.36
N SER B 56 -31.70 13.04 11.67
CA SER B 56 -30.76 12.44 10.73
C SER B 56 -30.62 13.21 9.43
N ALA B 57 -31.60 14.06 9.09
CA ALA B 57 -31.64 14.81 7.81
C ALA B 57 -31.74 13.89 6.58
N SER B 58 -32.07 12.60 6.80
CA SER B 58 -32.17 11.61 5.75
C SER B 58 -33.48 10.85 5.78
N PHE B 59 -34.37 11.04 6.81
CA PHE B 59 -35.59 10.24 6.86
C PHE B 59 -36.84 10.96 6.38
N SER B 60 -37.32 10.59 5.20
CA SER B 60 -38.54 11.10 4.59
C SER B 60 -39.76 10.95 5.52
N THR B 61 -39.76 9.89 6.34
CA THR B 61 -40.83 9.55 7.27
C THR B 61 -40.20 9.15 8.60
N PHE B 62 -40.77 9.64 9.71
CA PHE B 62 -40.28 9.23 11.05
C PHE B 62 -41.45 9.28 12.04
N LYS B 63 -42.43 8.41 11.86
CA LYS B 63 -43.64 8.43 12.72
C LYS B 63 -43.43 7.55 13.94
N CYS B 64 -43.98 7.96 15.09
CA CYS B 64 -43.87 7.17 16.34
C CYS B 64 -45.27 7.00 16.91
N TYR B 65 -45.55 5.85 17.51
CA TYR B 65 -46.93 5.59 17.95
C TYR B 65 -46.93 5.10 19.39
N GLY B 66 -47.66 5.81 20.25
CA GLY B 66 -47.73 5.42 21.67
C GLY B 66 -46.46 5.81 22.39
N VAL B 67 -45.80 6.88 21.92
CA VAL B 67 -44.51 7.26 22.54
C VAL B 67 -44.10 8.60 21.95
N SER B 68 -43.10 9.24 22.54
CA SER B 68 -42.74 10.61 22.10
C SER B 68 -41.59 10.58 21.09
N PRO B 69 -41.65 11.36 20.00
CA PRO B 69 -40.55 11.44 19.06
C PRO B 69 -39.42 12.25 19.72
N THR B 70 -39.71 12.90 20.84
CA THR B 70 -38.70 13.73 21.53
C THR B 70 -38.30 13.05 22.85
N LYS B 71 -37.02 13.15 23.21
CA LYS B 71 -36.54 12.60 24.50
C LYS B 71 -36.97 11.14 24.64
N LEU B 72 -37.23 10.47 23.53
CA LEU B 72 -37.53 9.02 23.61
C LEU B 72 -36.34 8.32 24.26
N ASN B 73 -35.14 8.85 24.07
CA ASN B 73 -33.89 8.22 24.59
C ASN B 73 -33.99 8.07 26.11
N ASP B 74 -34.83 8.88 26.74
CA ASP B 74 -35.03 8.72 28.21
C ASP B 74 -36.08 7.64 28.45
N LEU B 75 -35.69 6.36 28.37
CA LEU B 75 -36.70 5.28 28.49
C LEU B 75 -36.03 3.93 28.81
N CYS B 76 -36.67 2.82 28.45
CA CYS B 76 -36.04 1.48 28.63
C CYS B 76 -36.99 0.39 28.10
N PHE B 77 -36.48 -0.79 27.74
CA PHE B 77 -37.33 -1.87 27.17
C PHE B 77 -36.67 -3.23 27.38
N THR B 78 -37.47 -4.26 27.69
CA THR B 78 -36.94 -5.61 27.80
C THR B 78 -36.26 -5.96 26.47
N ASN B 79 -36.95 -5.70 25.33
CA ASN B 79 -36.40 -5.99 24.00
C ASN B 79 -36.89 -4.95 22.97
N VAL B 80 -36.07 -4.66 21.97
CA VAL B 80 -36.45 -3.76 20.88
C VAL B 80 -36.37 -4.57 19.58
N TYR B 81 -37.36 -4.43 18.68
CA TYR B 81 -37.36 -5.19 17.43
C TYR B 81 -37.30 -4.25 16.25
N ALA B 82 -36.36 -4.48 15.33
CA ALA B 82 -36.23 -3.63 14.16
C ALA B 82 -36.65 -4.46 12.98
N ASP B 83 -37.71 -4.05 12.28
CA ASP B 83 -38.24 -4.81 11.16
C ASP B 83 -37.96 -4.06 9.91
N SER B 84 -37.09 -4.61 9.03
CA SER B 84 -36.79 -3.91 7.79
C SER B 84 -37.31 -4.62 6.58
N PHE B 85 -37.64 -3.84 5.55
CA PHE B 85 -38.16 -4.27 4.26
C PHE B 85 -38.21 -3.07 3.29
N VAL B 86 -38.55 -3.31 2.00
CA VAL B 86 -38.71 -2.26 1.00
C VAL B 86 -40.13 -2.34 0.40
N ILE B 87 -40.76 -1.16 0.24
CA ILE B 87 -42.08 -0.93 -0.37
C ILE B 87 -42.03 0.40 -1.21
N ARG B 88 -43.13 0.77 -1.88
CA ARG B 88 -43.20 2.02 -2.63
C ARG B 88 -43.37 3.18 -1.63
N GLY B 89 -43.21 4.42 -2.08
CA GLY B 89 -43.48 5.58 -1.25
C GLY B 89 -44.95 5.65 -0.89
N ASP B 90 -45.83 5.34 -1.86
CA ASP B 90 -47.29 5.28 -1.75
C ASP B 90 -47.79 4.37 -0.65
N GLU B 91 -47.04 3.30 -0.40
CA GLU B 91 -47.44 2.33 0.59
C GLU B 91 -46.90 2.64 1.99
N VAL B 92 -46.00 3.62 2.17
CA VAL B 92 -45.46 3.93 3.50
C VAL B 92 -46.57 4.31 4.47
N ARG B 93 -47.62 4.99 3.97
CA ARG B 93 -48.78 5.34 4.78
C ARG B 93 -49.51 4.12 5.37
N GLN B 94 -49.27 2.92 4.82
CA GLN B 94 -49.86 1.69 5.35
C GLN B 94 -49.09 1.12 6.53
N ILE B 95 -47.87 1.61 6.79
CA ILE B 95 -47.09 1.14 7.93
C ILE B 95 -47.45 2.05 9.13
N ALA B 96 -48.66 1.80 9.63
CA ALA B 96 -49.35 2.49 10.71
C ALA B 96 -50.50 1.60 11.20
N PRO B 97 -50.89 1.73 12.48
CA PRO B 97 -52.00 0.91 13.00
C PRO B 97 -53.32 1.28 12.35
N GLY B 98 -54.19 0.30 12.20
CA GLY B 98 -55.51 0.52 11.63
C GLY B 98 -55.52 0.97 10.18
N GLN B 99 -54.55 0.50 9.37
CA GLN B 99 -54.47 0.84 7.95
C GLN B 99 -54.91 -0.31 7.06
N THR B 100 -55.32 -0.01 5.82
CA THR B 100 -55.71 -1.01 4.84
C THR B 100 -55.02 -0.73 3.51
N GLY B 101 -54.83 -1.80 2.74
CA GLY B 101 -54.14 -1.79 1.46
C GLY B 101 -53.37 -3.09 1.29
N LYS B 102 -52.85 -3.38 0.08
CA LYS B 102 -52.14 -4.65 -0.16
C LYS B 102 -51.09 -4.97 0.87
N ILE B 103 -50.34 -3.95 1.31
CA ILE B 103 -49.24 -4.19 2.25
C ILE B 103 -49.79 -4.47 3.64
N ALA B 104 -50.71 -3.62 4.12
CA ALA B 104 -51.25 -3.79 5.44
C ALA B 104 -51.99 -5.12 5.59
N ASP B 105 -52.70 -5.52 4.56
CA ASP B 105 -53.53 -6.71 4.57
C ASP B 105 -52.78 -8.00 4.33
N TYR B 106 -51.86 -8.00 3.36
CA TYR B 106 -51.21 -9.23 2.94
C TYR B 106 -49.73 -9.36 3.26
N ASN B 107 -49.07 -8.26 3.66
CA ASN B 107 -47.61 -8.30 3.81
C ASN B 107 -47.07 -8.02 5.20
N TYR B 108 -47.38 -6.87 5.79
CA TYR B 108 -46.89 -6.46 7.09
C TYR B 108 -48.03 -5.77 7.79
N LYS B 109 -48.49 -6.35 8.92
CA LYS B 109 -49.61 -5.81 9.68
C LYS B 109 -49.21 -5.29 11.06
N LEU B 110 -49.53 -4.01 11.34
CA LEU B 110 -49.25 -3.43 12.65
C LEU B 110 -50.51 -3.49 13.49
N PRO B 111 -50.39 -3.92 14.76
CA PRO B 111 -51.59 -3.96 15.61
C PRO B 111 -52.12 -2.55 15.93
N ASP B 112 -53.39 -2.45 16.38
CA ASP B 112 -53.97 -1.15 16.74
C ASP B 112 -53.21 -0.49 17.92
N ASP B 113 -52.79 -1.31 18.88
CA ASP B 113 -52.07 -0.93 20.09
C ASP B 113 -50.55 -0.86 19.88
N PHE B 114 -50.11 -0.55 18.67
CA PHE B 114 -48.69 -0.51 18.34
C PHE B 114 -47.90 0.49 19.16
N THR B 115 -46.73 0.08 19.66
CA THR B 115 -45.90 0.97 20.44
C THR B 115 -44.48 1.01 19.89
N GLY B 116 -44.21 1.98 19.04
CA GLY B 116 -42.90 2.13 18.44
C GLY B 116 -42.85 3.18 17.37
N CYS B 117 -41.78 3.15 16.57
CA CYS B 117 -41.59 4.13 15.52
C CYS B 117 -41.43 3.48 14.17
N VAL B 118 -41.87 4.19 13.13
CA VAL B 118 -41.81 3.79 11.74
C VAL B 118 -40.89 4.81 11.08
N ILE B 119 -39.77 4.36 10.53
CA ILE B 119 -38.79 5.25 9.90
C ILE B 119 -38.63 4.82 8.48
N ALA B 120 -38.87 5.72 7.53
CA ALA B 120 -38.73 5.38 6.12
C ALA B 120 -37.93 6.43 5.38
N TRP B 121 -37.25 6.01 4.33
CA TRP B 121 -36.46 6.90 3.52
C TRP B 121 -36.32 6.39 2.07
N ASN B 122 -36.19 7.31 1.13
CA ASN B 122 -36.10 7.01 -0.29
C ASN B 122 -34.78 6.38 -0.58
N SER B 123 -34.86 5.24 -1.25
CA SER B 123 -33.70 4.48 -1.64
C SER B 123 -33.77 4.22 -3.14
N ASN B 124 -34.13 5.25 -3.92
CA ASN B 124 -34.18 5.14 -5.37
C ASN B 124 -32.78 4.91 -5.92
N ASN B 125 -31.78 5.60 -5.36
CA ASN B 125 -30.41 5.48 -5.80
C ASN B 125 -29.87 4.05 -5.58
N LEU B 126 -30.21 3.42 -4.45
CA LEU B 126 -29.72 2.09 -4.16
C LEU B 126 -30.57 0.98 -4.71
N ASP B 127 -31.89 1.09 -4.60
CA ASP B 127 -32.76 -0.02 -4.92
C ASP B 127 -33.41 -0.02 -6.30
N SER B 128 -33.57 1.12 -6.99
CA SER B 128 -34.15 1.08 -8.34
C SER B 128 -33.06 0.98 -9.40
N LYS B 129 -33.38 0.34 -10.50
CA LYS B 129 -32.44 0.08 -11.57
C LYS B 129 -33.12 0.30 -12.90
N VAL B 130 -32.36 0.77 -13.91
CA VAL B 130 -32.92 0.98 -15.25
C VAL B 130 -33.27 -0.38 -15.82
N GLY B 131 -34.51 -0.52 -16.24
CA GLY B 131 -35.01 -1.80 -16.72
C GLY B 131 -35.73 -2.60 -15.65
N GLY B 132 -35.66 -2.13 -14.40
CA GLY B 132 -36.32 -2.73 -13.24
C GLY B 132 -35.45 -3.51 -12.27
N ASN B 133 -35.71 -3.34 -10.98
CA ASN B 133 -35.08 -4.15 -9.96
C ASN B 133 -36.21 -5.06 -9.51
N TYR B 134 -36.12 -6.30 -9.90
CA TYR B 134 -37.15 -7.28 -9.64
C TYR B 134 -36.87 -8.15 -8.43
N ASN B 135 -35.88 -7.82 -7.58
CA ASN B 135 -35.66 -8.57 -6.35
C ASN B 135 -36.73 -8.28 -5.30
N TYR B 136 -37.34 -7.08 -5.35
CA TYR B 136 -38.30 -6.63 -4.38
C TYR B 136 -39.69 -7.05 -4.76
N LEU B 137 -40.25 -7.91 -3.91
CA LEU B 137 -41.54 -8.55 -4.10
C LEU B 137 -42.51 -8.22 -2.98
N TYR B 138 -43.79 -8.43 -3.25
CA TYR B 138 -44.85 -8.31 -2.29
C TYR B 138 -45.92 -9.34 -2.63
N ARG B 139 -46.71 -9.75 -1.64
CA ARG B 139 -47.78 -10.71 -1.85
C ARG B 139 -48.97 -10.01 -2.46
N LEU B 140 -49.33 -10.39 -3.68
CA LEU B 140 -50.45 -9.78 -4.38
C LEU B 140 -51.79 -10.52 -4.09
N PHE B 141 -51.72 -11.82 -3.82
CA PHE B 141 -52.88 -12.64 -3.58
C PHE B 141 -52.82 -13.39 -2.26
N ARG B 142 -53.97 -13.51 -1.58
CA ARG B 142 -54.06 -14.23 -0.32
C ARG B 142 -55.52 -14.51 0.02
N LYS B 143 -55.79 -15.63 0.67
CA LYS B 143 -57.15 -15.99 1.03
C LYS B 143 -57.73 -15.13 2.14
N SER B 144 -56.87 -14.60 3.00
CA SER B 144 -57.33 -13.79 4.13
C SER B 144 -56.30 -12.71 4.50
N ASN B 145 -56.64 -11.83 5.41
CA ASN B 145 -55.73 -10.78 5.84
C ASN B 145 -54.84 -11.31 6.99
N LEU B 146 -53.63 -10.79 7.05
CA LEU B 146 -52.68 -11.20 8.07
C LEU B 146 -53.10 -10.70 9.42
N LYS B 147 -52.78 -11.46 10.47
CA LYS B 147 -52.97 -10.99 11.83
C LYS B 147 -51.74 -10.11 12.13
N PRO B 148 -51.83 -9.09 13.01
CA PRO B 148 -50.66 -8.23 13.28
C PRO B 148 -49.38 -9.00 13.63
N PHE B 149 -48.29 -8.64 12.94
CA PHE B 149 -46.96 -9.25 13.06
C PHE B 149 -46.86 -10.67 12.48
N GLU B 150 -47.81 -11.09 11.66
CA GLU B 150 -47.70 -12.42 11.01
C GLU B 150 -46.75 -12.32 9.81
N ARG B 151 -46.35 -13.45 9.24
CA ARG B 151 -45.42 -13.45 8.09
C ARG B 151 -45.73 -14.66 7.21
N ASP B 152 -46.13 -14.44 5.96
CA ASP B 152 -46.41 -15.55 5.01
C ASP B 152 -45.30 -15.61 3.98
N ILE B 153 -44.46 -16.64 4.04
CA ILE B 153 -43.35 -16.83 3.07
C ILE B 153 -43.85 -17.89 2.10
N SER B 154 -45.14 -18.19 2.16
CA SER B 154 -45.71 -19.27 1.32
C SER B 154 -45.71 -18.88 -0.14
N THR B 155 -45.43 -19.82 -1.01
CA THR B 155 -45.43 -19.57 -2.45
C THR B 155 -46.40 -20.56 -3.08
N GLU B 156 -47.51 -20.81 -2.41
CA GLU B 156 -48.52 -21.71 -2.94
C GLU B 156 -49.39 -21.01 -4.00
N ILE B 157 -49.72 -21.70 -5.08
CA ILE B 157 -50.55 -21.18 -6.16
C ILE B 157 -51.91 -20.72 -5.67
N TYR B 158 -52.25 -19.47 -5.98
CA TYR B 158 -53.51 -18.83 -5.63
C TYR B 158 -54.62 -19.17 -6.60
N GLN B 159 -55.71 -19.77 -6.12
CA GLN B 159 -56.84 -20.12 -6.95
C GLN B 159 -57.81 -18.96 -7.13
N ALA B 160 -57.72 -18.22 -8.26
CA ALA B 160 -58.63 -17.10 -8.52
C ALA B 160 -59.99 -17.57 -9.07
N GLY B 161 -60.00 -18.67 -9.81
CA GLY B 161 -61.23 -19.20 -10.37
C GLY B 161 -61.95 -20.10 -9.40
N SER B 162 -63.14 -20.59 -9.79
CA SER B 162 -63.89 -21.50 -8.92
C SER B 162 -63.27 -22.91 -8.99
N THR B 163 -62.74 -23.32 -10.15
CA THR B 163 -62.11 -24.62 -10.34
C THR B 163 -60.72 -24.66 -9.64
N PRO B 164 -60.37 -25.82 -9.04
CA PRO B 164 -59.09 -25.92 -8.31
C PRO B 164 -57.84 -25.98 -9.18
N CYS B 165 -56.72 -25.55 -8.60
CA CYS B 165 -55.44 -25.44 -9.30
C CYS B 165 -54.66 -26.70 -9.36
N ASN B 166 -54.69 -27.49 -8.27
CA ASN B 166 -53.91 -28.73 -8.15
C ASN B 166 -52.41 -28.37 -8.15
N GLY B 167 -52.05 -27.27 -7.48
CA GLY B 167 -50.67 -26.78 -7.39
C GLY B 167 -49.99 -26.40 -8.69
N VAL B 168 -50.74 -26.35 -9.80
CA VAL B 168 -50.19 -26.00 -11.09
C VAL B 168 -50.58 -24.60 -11.54
N GLU B 169 -49.58 -23.74 -11.74
CA GLU B 169 -49.78 -22.37 -12.19
C GLU B 169 -50.39 -22.35 -13.61
N GLY B 170 -51.15 -21.31 -13.92
CA GLY B 170 -51.76 -21.19 -15.23
C GLY B 170 -52.89 -20.18 -15.29
N PHE B 171 -53.93 -20.52 -16.05
CA PHE B 171 -55.10 -19.67 -16.23
C PHE B 171 -55.95 -19.73 -14.95
N ASN B 172 -56.34 -18.56 -14.42
CA ASN B 172 -57.11 -18.50 -13.17
C ASN B 172 -56.37 -19.07 -11.96
N CYS B 173 -55.06 -19.32 -12.07
CA CYS B 173 -54.22 -19.92 -11.05
C CYS B 173 -52.92 -19.20 -11.02
N TYR B 174 -52.75 -18.30 -10.08
CA TYR B 174 -51.61 -17.42 -10.06
C TYR B 174 -50.59 -17.63 -8.99
N PHE B 175 -49.34 -17.29 -9.30
CA PHE B 175 -48.27 -17.30 -8.31
C PHE B 175 -48.56 -16.12 -7.39
N PRO B 176 -48.53 -16.33 -6.08
CA PRO B 176 -48.96 -15.28 -5.15
C PRO B 176 -48.14 -13.99 -5.09
N LEU B 177 -46.83 -14.07 -5.26
CA LEU B 177 -45.96 -12.90 -5.15
C LEU B 177 -45.89 -12.10 -6.44
N GLN B 178 -45.70 -10.80 -6.32
CA GLN B 178 -45.63 -9.84 -7.42
C GLN B 178 -44.38 -8.98 -7.22
N SER B 179 -43.63 -8.76 -8.29
CA SER B 179 -42.44 -7.95 -8.23
C SER B 179 -42.78 -6.47 -8.41
N TYR B 180 -41.92 -5.58 -7.92
CA TYR B 180 -42.10 -4.14 -8.07
C TYR B 180 -41.44 -3.57 -9.35
N GLY B 181 -40.31 -4.13 -9.76
CA GLY B 181 -39.59 -3.67 -10.95
C GLY B 181 -39.18 -2.21 -10.90
N PHE B 182 -38.63 -1.79 -9.76
CA PHE B 182 -38.21 -0.41 -9.49
C PHE B 182 -37.29 0.19 -10.53
N GLN B 183 -37.71 1.29 -11.15
CA GLN B 183 -36.95 2.03 -12.14
C GLN B 183 -36.75 3.46 -11.64
N PRO B 184 -35.58 4.07 -11.92
CA PRO B 184 -35.32 5.42 -11.38
C PRO B 184 -36.19 6.51 -11.97
N THR B 185 -36.68 6.29 -13.18
CA THR B 185 -37.54 7.24 -13.88
C THR B 185 -38.98 7.29 -13.35
N ASN B 186 -39.36 6.37 -12.44
CA ASN B 186 -40.69 6.34 -11.86
C ASN B 186 -40.95 7.61 -10.99
N GLY B 187 -42.21 7.90 -10.74
CA GLY B 187 -42.57 9.02 -9.87
C GLY B 187 -42.13 8.77 -8.44
N VAL B 188 -41.98 9.83 -7.63
CA VAL B 188 -41.53 9.69 -6.24
C VAL B 188 -42.44 8.73 -5.43
N GLY B 189 -43.72 8.72 -5.75
CA GLY B 189 -44.67 7.82 -5.10
C GLY B 189 -44.41 6.36 -5.40
N TYR B 190 -43.90 6.07 -6.58
CA TYR B 190 -43.61 4.72 -7.03
C TYR B 190 -42.18 4.28 -6.85
N GLN B 191 -41.36 5.04 -6.13
CA GLN B 191 -39.96 4.70 -5.92
C GLN B 191 -39.78 3.81 -4.70
N PRO B 192 -38.68 3.05 -4.62
CA PRO B 192 -38.46 2.21 -3.44
C PRO B 192 -38.16 3.08 -2.23
N TYR B 193 -38.65 2.65 -1.09
CA TYR B 193 -38.41 3.28 0.18
C TYR B 193 -38.03 2.19 1.15
N ARG B 194 -36.91 2.36 1.85
CA ARG B 194 -36.46 1.41 2.85
C ARG B 194 -37.13 1.81 4.14
N VAL B 195 -37.67 0.83 4.87
CA VAL B 195 -38.47 1.07 6.08
C VAL B 195 -37.94 0.28 7.25
N VAL B 196 -37.82 0.91 8.40
CA VAL B 196 -37.38 0.23 9.62
C VAL B 196 -38.44 0.55 10.65
N VAL B 197 -39.05 -0.52 11.18
CA VAL B 197 -40.15 -0.38 12.18
C VAL B 197 -39.63 -0.83 13.53
N LEU B 198 -39.39 0.12 14.42
CA LEU B 198 -38.91 -0.15 15.76
C LEU B 198 -40.07 -0.42 16.67
N SER B 199 -39.95 -1.49 17.46
CA SER B 199 -40.98 -1.97 18.37
C SER B 199 -40.38 -2.03 19.75
N PHE B 200 -41.06 -1.42 20.72
CA PHE B 200 -40.56 -1.36 22.08
C PHE B 200 -41.35 -2.32 22.91
N GLU B 201 -40.67 -3.34 23.44
CA GLU B 201 -41.31 -4.39 24.22
C GLU B 201 -40.97 -4.31 25.70
N LEU B 202 -42.02 -4.25 26.54
CA LEU B 202 -41.86 -4.20 27.98
C LEU B 202 -42.58 -5.42 28.51
N LEU B 203 -41.84 -6.35 29.10
CA LEU B 203 -42.44 -7.56 29.66
C LEU B 203 -42.34 -7.52 31.19
N HIS B 204 -42.95 -8.52 31.88
CA HIS B 204 -42.87 -8.57 33.34
C HIS B 204 -41.63 -9.37 33.78
N ALA B 205 -40.51 -9.02 33.17
CA ALA B 205 -39.20 -9.58 33.42
C ALA B 205 -38.19 -8.41 33.43
N PRO B 206 -36.96 -8.60 33.96
CA PRO B 206 -35.99 -7.49 33.95
C PRO B 206 -35.72 -6.88 32.57
N ALA B 207 -35.63 -5.55 32.49
CA ALA B 207 -35.38 -4.84 31.24
C ALA B 207 -33.94 -5.01 30.75
N THR B 208 -33.69 -4.80 29.44
CA THR B 208 -32.34 -4.95 28.90
C THR B 208 -31.81 -3.75 28.08
N VAL B 209 -32.71 -2.97 27.44
CA VAL B 209 -32.25 -1.88 26.58
C VAL B 209 -32.79 -0.52 26.96
N CYS B 210 -31.84 0.36 27.28
CA CYS B 210 -32.03 1.76 27.67
C CYS B 210 -30.70 2.50 27.75
N GLY B 211 -30.72 3.80 27.46
CA GLY B 211 -29.53 4.62 27.52
C GLY B 211 -29.75 6.07 27.16
N PRO B 212 -29.41 7.02 28.06
CA PRO B 212 -29.62 8.44 27.73
C PRO B 212 -28.36 9.01 27.07
N GLN C 1 16.62 -3.85 20.45
CA GLN C 1 16.45 -3.04 21.69
C GLN C 1 14.98 -2.96 22.08
N ALA C 2 14.38 -1.78 21.98
CA ALA C 2 12.95 -1.64 22.31
C ALA C 2 12.18 -1.38 21.03
N VAL C 3 10.92 -1.79 21.01
CA VAL C 3 10.06 -1.54 19.82
C VAL C 3 9.16 -0.37 20.17
N VAL C 4 9.30 0.71 19.42
CA VAL C 4 8.46 1.88 19.62
C VAL C 4 7.52 1.97 18.42
N THR C 5 6.24 1.70 18.62
CA THR C 5 5.29 1.65 17.51
C THR C 5 4.56 2.93 17.21
N GLN C 6 4.51 3.25 15.93
CA GLN C 6 3.79 4.39 15.42
C GLN C 6 2.83 3.88 14.36
N PRO C 7 1.71 4.57 14.11
CA PRO C 7 0.83 4.16 13.01
C PRO C 7 1.57 4.30 11.68
N ALA C 8 1.42 3.32 10.79
CA ALA C 8 2.15 3.34 9.51
C ALA C 8 1.86 4.57 8.66
N SER C 9 0.59 4.96 8.58
CA SER C 9 0.16 6.11 7.78
C SER C 9 -0.95 6.86 8.49
N VAL C 10 -0.93 8.19 8.35
CA VAL C 10 -1.92 9.09 8.92
C VAL C 10 -2.24 10.10 7.84
N SER C 11 -3.52 10.19 7.49
CA SER C 11 -3.96 11.09 6.45
C SER C 11 -4.83 12.19 6.98
N GLY C 12 -4.70 13.36 6.38
CA GLY C 12 -5.51 14.51 6.76
C GLY C 12 -5.93 15.32 5.55
N SER C 13 -6.67 16.39 5.81
CA SER C 13 -7.12 17.30 4.75
C SER C 13 -6.65 18.70 5.11
N PRO C 14 -6.33 19.57 4.14
CA PRO C 14 -5.80 20.90 4.49
C PRO C 14 -6.62 21.62 5.55
N GLY C 15 -5.95 22.24 6.51
CA GLY C 15 -6.60 22.95 7.60
C GLY C 15 -7.01 22.08 8.78
N GLN C 16 -7.15 20.76 8.54
CA GLN C 16 -7.51 19.76 9.53
C GLN C 16 -6.38 19.57 10.57
N SER C 17 -6.65 18.91 11.68
CA SER C 17 -5.62 18.64 12.67
C SER C 17 -5.51 17.13 12.87
N ILE C 18 -4.28 16.59 12.89
CA ILE C 18 -4.07 15.16 13.06
C ILE C 18 -3.11 14.87 14.17
N THR C 19 -3.18 13.66 14.72
CA THR C 19 -2.29 13.26 15.79
C THR C 19 -1.64 11.94 15.49
N ILE C 20 -0.32 11.89 15.65
CA ILE C 20 0.47 10.69 15.46
C ILE C 20 0.79 10.16 16.85
N SER C 21 0.46 8.90 17.09
CA SER C 21 0.78 8.26 18.37
C SER C 21 2.19 7.65 18.31
N CYS C 22 2.77 7.39 19.47
CA CYS C 22 4.12 6.76 19.57
C CYS C 22 4.14 5.95 20.85
N THR C 23 3.69 4.68 20.80
CA THR C 23 3.56 3.87 22.04
C THR C 23 4.81 3.05 22.31
N GLY C 24 5.23 3.00 23.57
CA GLY C 24 6.48 2.30 23.90
C GLY C 24 6.44 1.64 25.25
N THR C 25 7.59 1.41 25.86
CA THR C 25 7.66 0.67 27.14
C THR C 25 7.79 1.62 28.32
N SER C 26 8.16 1.09 29.48
CA SER C 26 8.38 1.93 30.68
C SER C 26 9.89 2.12 30.80
N SER C 27 10.64 1.45 29.94
CA SER C 27 12.10 1.56 29.95
C SER C 27 12.48 2.58 28.89
N ASP C 28 11.47 3.20 28.28
CA ASP C 28 11.71 4.18 27.21
C ASP C 28 10.71 5.32 27.33
N VAL C 29 9.70 5.33 26.48
CA VAL C 29 8.75 6.48 26.45
C VAL C 29 8.16 6.75 27.82
N GLY C 30 7.78 5.71 28.57
CA GLY C 30 7.06 5.93 29.83
C GLY C 30 7.94 6.17 31.03
N GLY C 31 9.25 6.02 30.89
CA GLY C 31 10.12 6.15 32.07
C GLY C 31 10.88 7.44 32.07
N TYR C 32 10.93 8.10 30.92
CA TYR C 32 11.73 9.34 30.79
C TYR C 32 10.98 10.37 29.95
N ASN C 33 11.11 11.65 30.29
CA ASN C 33 10.53 12.74 29.52
C ASN C 33 11.50 13.23 28.46
N TYR C 34 12.15 12.29 27.78
CA TYR C 34 13.16 12.60 26.77
C TYR C 34 12.68 12.09 25.41
N VAL C 35 11.53 12.57 24.94
CA VAL C 35 11.01 12.13 23.65
C VAL C 35 11.22 13.20 22.60
N SER C 36 11.55 12.82 21.37
CA SER C 36 11.77 13.75 20.29
C SER C 36 11.08 13.34 19.02
N TRP C 37 10.54 14.29 18.27
CA TRP C 37 9.88 13.99 17.00
C TRP C 37 10.66 14.60 15.86
N TYR C 38 10.70 13.90 14.75
CA TYR C 38 11.41 14.38 13.59
C TYR C 38 10.52 14.42 12.36
N GLN C 39 10.75 15.41 11.48
CA GLN C 39 10.02 15.48 10.25
C GLN C 39 11.03 15.19 9.14
N GLN C 40 10.73 14.21 8.30
CA GLN C 40 11.63 13.89 7.20
C GLN C 40 10.98 13.98 5.84
N HIS C 41 11.48 14.95 5.06
CA HIS C 41 11.09 15.18 3.69
C HIS C 41 11.93 14.30 2.81
N PRO C 42 11.35 13.80 1.70
CA PRO C 42 12.10 12.84 0.87
C PRO C 42 13.47 13.32 0.39
N GLY C 43 14.45 12.46 0.56
CA GLY C 43 15.82 12.73 0.17
C GLY C 43 16.54 13.75 1.01
N LYS C 44 16.03 14.05 2.21
CA LYS C 44 16.64 15.03 3.09
C LYS C 44 16.83 14.44 4.50
N ALA C 45 17.72 15.06 5.30
CA ALA C 45 17.94 14.61 6.66
C ALA C 45 16.75 14.94 7.52
N PRO C 46 16.46 14.11 8.56
CA PRO C 46 15.35 14.43 9.47
C PRO C 46 15.53 15.80 10.12
N LYS C 47 14.41 16.45 10.48
CA LYS C 47 14.41 17.76 11.10
C LYS C 47 13.89 17.64 12.51
N LEU C 48 14.59 18.20 13.52
CA LEU C 48 14.10 18.11 14.89
C LEU C 48 12.90 19.04 15.08
N MET C 49 11.71 18.48 15.39
CA MET C 49 10.50 19.29 15.54
C MET C 49 10.07 19.50 16.99
N ILE C 50 10.26 18.50 17.82
CA ILE C 50 9.86 18.55 19.23
C ILE C 50 10.93 17.78 20.02
N TYR C 51 11.36 18.32 21.17
CA TYR C 51 12.34 17.66 22.01
C TYR C 51 11.86 17.69 23.46
N ASP C 52 12.30 16.72 24.30
CA ASP C 52 11.87 16.59 25.69
C ASP C 52 10.35 16.66 25.83
N VAL C 53 9.64 15.82 25.06
CA VAL C 53 8.20 15.68 24.99
C VAL C 53 7.50 16.83 24.29
N SER C 54 7.65 18.07 24.77
CA SER C 54 6.83 19.16 24.30
C SER C 54 7.50 20.41 23.74
N ASN C 55 8.80 20.56 23.91
CA ASN C 55 9.50 21.77 23.50
C ASN C 55 9.82 21.83 22.05
N ARG C 56 9.48 22.92 21.35
CA ARG C 56 9.81 23.03 19.94
C ARG C 56 11.02 23.97 19.71
N PRO C 57 11.97 23.51 18.87
CA PRO C 57 13.18 24.29 18.61
C PRO C 57 12.91 25.61 17.90
N SER C 58 13.82 26.58 18.03
CA SER C 58 13.65 27.89 17.41
C SER C 58 13.46 27.77 15.93
N GLY C 59 12.36 28.32 15.44
CA GLY C 59 12.02 28.26 14.02
C GLY C 59 10.99 27.21 13.64
N VAL C 60 10.66 26.27 14.56
CA VAL C 60 9.63 25.28 14.27
C VAL C 60 8.24 25.96 14.41
N SER C 61 7.32 25.69 13.45
CA SER C 61 5.96 26.25 13.47
C SER C 61 5.24 25.86 14.72
N ASN C 62 4.55 26.81 15.32
CA ASN C 62 3.80 26.54 16.55
C ASN C 62 2.61 25.57 16.34
N ARG C 63 2.32 25.16 15.07
CA ARG C 63 1.29 24.19 14.75
C ARG C 63 1.70 22.74 15.13
N PHE C 64 2.93 22.54 15.67
CA PHE C 64 3.46 21.24 16.07
C PHE C 64 3.49 21.22 17.58
N SER C 65 2.62 20.39 18.14
CA SER C 65 2.43 20.25 19.58
C SER C 65 2.90 18.86 20.02
N GLY C 66 3.65 18.81 21.11
CA GLY C 66 4.12 17.54 21.63
C GLY C 66 3.55 17.26 23.00
N SER C 67 3.08 16.04 23.22
CA SER C 67 2.52 15.65 24.52
C SER C 67 2.79 14.16 24.81
N LYS C 68 2.53 13.70 26.04
CA LYS C 68 2.80 12.32 26.42
C LYS C 68 1.88 11.91 27.55
N SER C 69 1.39 10.67 27.51
CA SER C 69 0.54 10.13 28.55
C SER C 69 0.95 8.69 28.81
N GLY C 70 1.49 8.44 29.99
CA GLY C 70 1.91 7.10 30.37
C GLY C 70 3.05 6.64 29.51
N ASN C 71 2.79 5.64 28.66
CA ASN C 71 3.77 5.08 27.73
C ASN C 71 3.50 5.52 26.30
N THR C 72 2.75 6.64 26.07
CA THR C 72 2.44 7.08 24.71
C THR C 72 2.65 8.57 24.43
N ALA C 73 3.55 8.86 23.48
CA ALA C 73 3.83 10.20 23.00
C ALA C 73 2.88 10.52 21.86
N SER C 74 2.57 11.81 21.68
CA SER C 74 1.66 12.23 20.62
C SER C 74 2.11 13.52 20.01
N LEU C 75 2.36 13.50 18.72
CA LEU C 75 2.68 14.70 18.00
C LEU C 75 1.39 15.12 17.36
N THR C 76 1.02 16.38 17.54
CA THR C 76 -0.20 16.91 16.98
C THR C 76 0.13 18.00 16.00
N ILE C 77 -0.37 17.87 14.77
CA ILE C 77 -0.15 18.87 13.74
C ILE C 77 -1.49 19.49 13.51
N SER C 78 -1.63 20.78 13.85
CA SER C 78 -2.87 21.53 13.66
C SER C 78 -2.80 22.39 12.40
N GLY C 79 -3.95 22.62 11.76
CA GLY C 79 -4.03 23.49 10.60
C GLY C 79 -3.12 23.05 9.49
N LEU C 80 -3.17 21.75 9.22
CA LEU C 80 -2.28 21.09 8.22
C LEU C 80 -2.07 21.88 6.94
N GLN C 81 -0.83 21.92 6.48
CA GLN C 81 -0.49 22.56 5.19
C GLN C 81 0.16 21.46 4.37
N ALA C 82 0.12 21.54 3.04
CA ALA C 82 0.62 20.42 2.24
C ALA C 82 2.09 20.17 2.52
N GLU C 83 2.78 21.19 2.98
CA GLU C 83 4.24 21.08 3.21
C GLU C 83 4.47 20.26 4.46
N ASP C 84 3.40 19.78 5.06
CA ASP C 84 3.52 18.98 6.30
C ASP C 84 3.57 17.51 5.89
N GLU C 85 3.34 17.25 4.60
CA GLU C 85 3.35 15.85 4.10
C GLU C 85 4.77 15.33 4.17
N ALA C 86 5.00 14.39 5.07
CA ALA C 86 6.35 13.85 5.25
C ALA C 86 6.29 12.59 6.10
N ASP C 87 7.45 12.11 6.49
CA ASP C 87 7.49 10.94 7.40
C ASP C 87 7.87 11.46 8.76
N TYR C 88 7.13 11.05 9.78
CA TYR C 88 7.37 11.58 11.15
C TYR C 88 7.88 10.44 12.03
N TYR C 89 8.98 10.66 12.74
CA TYR C 89 9.59 9.65 13.58
C TYR C 89 9.72 10.14 15.02
N CYS C 90 9.16 9.43 15.98
CA CYS C 90 9.35 9.74 17.39
C CYS C 90 10.64 9.02 17.83
N SER C 91 11.16 9.37 19.00
CA SER C 91 12.40 8.77 19.52
C SER C 91 12.47 8.99 21.02
N SER C 92 13.21 8.14 21.73
CA SER C 92 13.33 8.26 23.17
C SER C 92 14.58 7.66 23.71
N TYR C 93 15.01 8.16 24.85
CA TYR C 93 16.12 7.59 25.60
C TYR C 93 15.61 6.27 26.24
N THR C 94 16.51 5.31 26.48
CA THR C 94 16.17 4.03 27.08
C THR C 94 16.95 3.84 28.36
N SER C 95 16.47 2.96 29.23
CA SER C 95 17.15 2.60 30.48
C SER C 95 18.58 2.06 30.22
N SER C 96 18.85 1.57 29.00
CA SER C 96 20.16 1.04 28.63
C SER C 96 21.15 2.14 28.21
N SER C 97 20.79 3.43 28.36
CA SER C 97 21.58 4.58 27.92
C SER C 97 21.69 4.59 26.38
N THR C 98 20.63 4.17 25.69
CA THR C 98 20.63 4.16 24.23
C THR C 98 19.45 5.02 23.72
N VAL C 99 19.41 5.30 22.43
CA VAL C 99 18.32 6.04 21.84
C VAL C 99 17.63 5.08 20.88
N VAL C 100 16.30 5.10 20.85
CA VAL C 100 15.54 4.22 19.97
C VAL C 100 14.55 5.04 19.16
N PHE C 101 14.38 4.71 17.89
CA PHE C 101 13.47 5.43 17.01
C PHE C 101 12.16 4.68 16.82
N GLY C 102 11.13 5.39 16.42
CA GLY C 102 9.84 4.80 16.12
C GLY C 102 9.81 4.24 14.70
N GLY C 103 8.76 3.49 14.39
CA GLY C 103 8.63 2.86 13.09
C GLY C 103 8.50 3.81 11.91
N GLY C 104 8.05 5.01 12.19
CA GLY C 104 7.81 6.03 11.17
C GLY C 104 6.35 6.11 10.83
N THR C 105 5.89 7.30 10.40
CA THR C 105 4.50 7.51 10.02
C THR C 105 4.48 8.32 8.77
N LYS C 106 3.88 7.81 7.71
CA LYS C 106 3.76 8.62 6.49
C LYS C 106 2.53 9.50 6.61
N VAL C 107 2.73 10.80 6.73
CA VAL C 107 1.59 11.76 6.86
C VAL C 107 1.30 12.29 5.47
N THR C 108 0.06 12.12 5.02
CA THR C 108 -0.30 12.52 3.65
C THR C 108 -1.34 13.62 3.73
N VAL C 109 -1.21 14.65 2.92
CA VAL C 109 -2.23 15.73 2.87
C VAL C 109 -2.97 15.59 1.54
N LEU C 110 -4.30 15.63 1.55
CA LEU C 110 -5.11 15.43 0.32
C LEU C 110 -4.69 16.40 -0.76
N GLN C 111 -4.59 15.91 -2.00
CA GLN C 111 -4.24 16.79 -3.14
C GLN C 111 -5.15 16.43 -4.31
N PRO C 112 -5.42 17.38 -5.21
CA PRO C 112 -6.29 17.11 -6.33
C PRO C 112 -5.56 16.24 -7.36
N LYS C 113 -6.30 15.65 -8.29
CA LYS C 113 -5.66 14.86 -9.36
C LYS C 113 -4.75 15.78 -10.16
N ALA C 114 -3.56 15.28 -10.46
CA ALA C 114 -2.59 16.07 -11.20
C ALA C 114 -2.20 15.23 -12.39
N ASN C 115 -2.32 15.80 -13.59
CA ASN C 115 -2.00 15.07 -14.81
C ASN C 115 -0.51 15.15 -15.14
N PRO C 116 0.04 14.07 -15.72
CA PRO C 116 1.49 14.01 -15.91
C PRO C 116 2.04 14.96 -16.96
N THR C 117 3.36 15.15 -16.90
CA THR C 117 4.09 15.99 -17.84
C THR C 117 5.14 15.11 -18.41
N VAL C 118 5.01 14.77 -19.70
CA VAL C 118 5.93 13.86 -20.37
C VAL C 118 6.93 14.58 -21.27
N THR C 119 8.18 14.10 -21.27
CA THR C 119 9.25 14.66 -22.07
C THR C 119 10.00 13.51 -22.69
N LEU C 120 10.13 13.50 -24.03
CA LEU C 120 10.81 12.41 -24.69
C LEU C 120 12.17 12.84 -25.27
N PHE C 121 13.25 12.10 -24.95
CA PHE C 121 14.57 12.43 -25.46
C PHE C 121 15.12 11.40 -26.42
N PRO C 122 15.43 11.82 -27.66
CA PRO C 122 16.01 10.89 -28.64
C PRO C 122 17.48 10.56 -28.32
N PRO C 123 18.02 9.43 -28.85
CA PRO C 123 19.43 9.12 -28.61
C PRO C 123 20.35 10.21 -29.12
N SER C 124 21.24 10.65 -28.24
CA SER C 124 22.21 11.71 -28.50
C SER C 124 23.25 11.22 -29.52
N SER C 125 23.87 12.16 -30.26
CA SER C 125 24.88 11.80 -31.27
C SER C 125 26.03 11.00 -30.64
N GLU C 126 26.43 11.41 -29.43
CA GLU C 126 27.48 10.79 -28.61
C GLU C 126 27.10 9.35 -28.28
N GLU C 127 25.82 9.12 -27.97
CA GLU C 127 25.23 7.82 -27.64
C GLU C 127 25.29 6.91 -28.87
N LEU C 128 24.88 7.45 -30.02
CA LEU C 128 24.89 6.72 -31.27
C LEU C 128 26.32 6.43 -31.76
N GLN C 129 27.30 7.29 -31.38
CA GLN C 129 28.72 7.12 -31.69
C GLN C 129 29.34 5.98 -30.89
N ALA C 130 28.73 5.59 -29.75
CA ALA C 130 29.22 4.47 -28.94
C ALA C 130 28.45 3.15 -29.24
N ASN C 131 27.69 3.11 -30.38
CA ASN C 131 26.88 1.99 -30.84
C ASN C 131 25.83 1.58 -29.84
N LYS C 132 25.13 2.59 -29.30
CA LYS C 132 24.05 2.39 -28.36
C LYS C 132 22.93 3.41 -28.61
N ALA C 133 21.70 2.99 -28.33
CA ALA C 133 20.52 3.85 -28.46
C ALA C 133 19.73 3.77 -27.15
N THR C 134 19.24 4.91 -26.66
CA THR C 134 18.43 4.97 -25.45
C THR C 134 17.47 6.13 -25.60
N LEU C 135 16.21 5.78 -25.47
CA LEU C 135 15.13 6.73 -25.55
C LEU C 135 14.63 6.89 -24.11
N VAL C 136 14.57 8.15 -23.60
CA VAL C 136 14.12 8.38 -22.22
C VAL C 136 12.77 9.14 -22.19
N CYS C 137 11.81 8.56 -21.48
CA CYS C 137 10.50 9.13 -21.31
C CYS C 137 10.40 9.62 -19.87
N LEU C 138 10.43 10.94 -19.67
CA LEU C 138 10.41 11.51 -18.33
C LEU C 138 9.05 12.06 -17.92
N ILE C 139 8.42 11.36 -16.99
CA ILE C 139 7.08 11.66 -16.51
C ILE C 139 7.17 12.37 -15.16
N SER C 140 6.42 13.47 -14.97
CA SER C 140 6.47 14.21 -13.70
C SER C 140 5.11 14.87 -13.32
N ASP C 141 5.03 15.43 -12.12
CA ASP C 141 3.90 16.17 -11.56
C ASP C 141 2.55 15.45 -11.67
N PHE C 142 2.51 14.13 -11.40
CA PHE C 142 1.26 13.39 -11.46
C PHE C 142 0.76 12.83 -10.11
N TYR C 143 -0.57 12.78 -9.92
CA TYR C 143 -1.15 12.22 -8.71
C TYR C 143 -2.50 11.59 -9.03
N PRO C 144 -2.80 10.36 -8.54
CA PRO C 144 -1.99 9.49 -7.66
C PRO C 144 -0.73 8.93 -8.29
N GLY C 145 0.14 8.35 -7.48
CA GLY C 145 1.42 7.83 -7.95
C GLY C 145 1.41 6.47 -8.62
N ALA C 146 0.70 6.33 -9.76
CA ALA C 146 0.64 5.07 -10.48
C ALA C 146 0.31 5.30 -11.93
N VAL C 147 1.28 5.04 -12.80
CA VAL C 147 1.12 5.18 -14.24
C VAL C 147 1.62 3.91 -14.93
N THR C 148 1.20 3.71 -16.17
CA THR C 148 1.65 2.58 -16.96
C THR C 148 2.22 3.15 -18.26
N VAL C 149 3.39 2.67 -18.67
CA VAL C 149 4.04 3.18 -19.87
C VAL C 149 4.15 2.09 -20.97
N ALA C 150 3.93 2.50 -22.22
CA ALA C 150 4.07 1.56 -23.36
C ALA C 150 4.72 2.32 -24.51
N TRP C 151 5.66 1.67 -25.21
CA TRP C 151 6.41 2.38 -26.27
C TRP C 151 5.95 1.90 -27.65
N LYS C 152 6.28 2.66 -28.69
CA LYS C 152 5.86 2.30 -30.06
C LYS C 152 6.92 2.77 -31.05
N ALA C 153 7.25 1.92 -32.02
CA ALA C 153 8.24 2.31 -33.04
C ALA C 153 7.57 2.29 -34.41
N ASP C 154 7.70 3.39 -35.16
CA ASP C 154 7.10 3.45 -36.52
C ASP C 154 5.61 3.11 -36.41
N GLY C 155 5.05 3.19 -35.21
CA GLY C 155 3.63 2.86 -35.00
C GLY C 155 3.47 1.43 -34.51
N SER C 156 4.59 0.76 -34.22
CA SER C 156 4.51 -0.67 -33.85
C SER C 156 4.87 -0.87 -32.38
N PRO C 157 4.19 -1.80 -31.66
CA PRO C 157 4.44 -2.02 -30.24
C PRO C 157 5.88 -2.42 -29.93
N VAL C 158 6.36 -2.05 -28.73
CA VAL C 158 7.74 -2.43 -28.29
C VAL C 158 7.61 -3.07 -26.91
N LYS C 159 8.20 -4.25 -26.71
CA LYS C 159 8.02 -4.97 -25.42
C LYS C 159 9.36 -5.37 -24.80
N ALA C 160 10.45 -5.24 -25.55
CA ALA C 160 11.77 -5.53 -24.95
C ALA C 160 12.64 -4.27 -25.01
N GLY C 161 13.46 -4.04 -23.97
CA GLY C 161 14.26 -2.80 -23.90
C GLY C 161 13.50 -1.78 -23.08
N VAL C 162 12.59 -2.26 -22.23
CA VAL C 162 11.70 -1.33 -21.47
C VAL C 162 11.96 -1.45 -19.98
N GLU C 163 12.54 -0.42 -19.38
CA GLU C 163 12.72 -0.39 -17.94
C GLU C 163 12.01 0.85 -17.41
N THR C 164 11.01 0.66 -16.56
CA THR C 164 10.25 1.76 -16.00
C THR C 164 10.41 1.80 -14.47
N THR C 165 10.72 2.99 -13.93
CA THR C 165 10.91 3.17 -12.51
C THR C 165 9.59 3.20 -11.75
N LYS C 166 9.65 2.90 -10.46
CA LYS C 166 8.52 2.98 -9.57
C LYS C 166 8.30 4.49 -9.33
N PRO C 167 7.03 4.97 -9.30
CA PRO C 167 6.78 6.39 -9.07
C PRO C 167 7.29 6.79 -7.69
N SER C 168 8.02 7.91 -7.63
CA SER C 168 8.58 8.44 -6.39
C SER C 168 8.04 9.84 -6.14
N LYS C 169 7.84 10.19 -4.89
CA LYS C 169 7.31 11.50 -4.52
C LYS C 169 8.36 12.60 -4.73
N GLN C 170 8.02 13.64 -5.49
CA GLN C 170 8.86 14.82 -5.71
C GLN C 170 8.71 15.77 -4.49
N SER C 171 9.49 16.86 -4.47
CA SER C 171 9.39 17.86 -3.39
C SER C 171 7.96 18.42 -3.22
N ASN C 172 7.21 18.61 -4.32
CA ASN C 172 5.86 19.15 -4.27
C ASN C 172 4.76 18.11 -4.00
N ASN C 173 5.13 16.92 -3.51
CA ASN C 173 4.26 15.79 -3.15
C ASN C 173 3.56 15.08 -4.32
N LYS C 174 3.83 15.54 -5.56
CA LYS C 174 3.38 14.90 -6.80
C LYS C 174 4.43 13.85 -7.15
N TYR C 175 4.08 12.87 -7.98
CA TYR C 175 4.99 11.79 -8.32
C TYR C 175 5.79 12.03 -9.60
N ALA C 176 6.86 11.23 -9.80
CA ALA C 176 7.74 11.26 -10.96
C ALA C 176 8.27 9.86 -11.31
N ALA C 177 8.22 9.51 -12.59
CA ALA C 177 8.71 8.22 -13.08
C ALA C 177 9.50 8.41 -14.39
N SER C 178 10.31 7.41 -14.77
CA SER C 178 11.09 7.48 -16.01
C SER C 178 11.18 6.12 -16.71
N SER C 179 10.81 6.05 -18.00
CA SER C 179 10.95 4.79 -18.75
C SER C 179 12.07 4.89 -19.76
N TYR C 180 12.96 3.92 -19.73
CA TYR C 180 14.12 3.88 -20.60
C TYR C 180 13.97 2.78 -21.66
N LEU C 181 14.10 3.16 -22.93
CA LEU C 181 14.01 2.23 -24.03
C LEU C 181 15.41 1.96 -24.61
N SER C 182 15.94 0.78 -24.29
CA SER C 182 17.27 0.39 -24.76
C SER C 182 17.16 -0.26 -26.15
N LEU C 183 17.95 0.24 -27.14
CA LEU C 183 17.98 -0.21 -28.55
C LEU C 183 19.44 -0.22 -29.14
N THR C 184 19.57 -0.19 -30.50
CA THR C 184 20.82 -0.11 -31.28
C THR C 184 20.70 1.06 -32.29
N PRO C 185 21.82 1.75 -32.65
CA PRO C 185 21.73 2.86 -33.63
C PRO C 185 21.08 2.45 -34.96
N GLU C 186 21.12 1.13 -35.27
CA GLU C 186 20.48 0.57 -36.45
C GLU C 186 18.94 0.60 -36.25
N GLN C 187 18.46 0.08 -35.12
CA GLN C 187 17.00 0.06 -34.83
C GLN C 187 16.48 1.50 -34.72
N TRP C 188 17.35 2.47 -34.46
CA TRP C 188 16.91 3.87 -34.26
C TRP C 188 16.53 4.52 -35.60
N LYS C 189 17.28 4.24 -36.67
CA LYS C 189 16.87 4.76 -38.00
C LYS C 189 16.20 3.62 -38.77
N SER C 190 16.07 2.44 -38.14
CA SER C 190 15.38 1.30 -38.77
C SER C 190 13.87 1.56 -38.70
N HIS C 191 13.50 2.78 -38.30
CA HIS C 191 12.08 3.18 -38.21
C HIS C 191 12.00 4.69 -38.31
N ARG C 192 10.80 5.25 -38.38
CA ARG C 192 10.67 6.73 -38.37
C ARG C 192 9.88 7.15 -37.13
N SER C 193 9.03 6.28 -36.59
CA SER C 193 8.16 6.70 -35.46
C SER C 193 8.65 6.14 -34.12
N TYR C 194 8.64 6.98 -33.07
CA TYR C 194 9.00 6.52 -31.71
C TYR C 194 8.10 7.27 -30.73
N SER C 195 7.23 6.54 -30.03
CA SER C 195 6.23 7.20 -29.16
C SER C 195 6.16 6.58 -27.76
N CYS C 196 5.88 7.40 -26.74
CA CYS C 196 5.72 6.92 -25.35
C CYS C 196 4.23 7.03 -25.01
N GLN C 197 3.65 6.02 -24.34
CA GLN C 197 2.22 6.00 -24.07
C GLN C 197 1.89 5.87 -22.57
N VAL C 198 1.95 6.99 -21.84
CA VAL C 198 1.69 6.97 -20.41
C VAL C 198 0.21 7.10 -20.07
N THR C 199 -0.34 6.09 -19.41
CA THR C 199 -1.76 6.09 -19.07
C THR C 199 -1.93 6.36 -17.57
N HIS C 200 -2.46 7.55 -17.25
CA HIS C 200 -2.67 7.96 -15.87
C HIS C 200 -4.15 8.20 -15.57
N GLU C 201 -4.75 7.31 -14.76
CA GLU C 201 -6.15 7.36 -14.37
C GLU C 201 -7.03 7.32 -15.62
N GLY C 202 -6.72 6.37 -16.50
CA GLY C 202 -7.43 6.19 -17.75
C GLY C 202 -6.86 7.03 -18.88
N SER C 203 -6.81 8.36 -18.68
CA SER C 203 -6.30 9.37 -19.61
C SER C 203 -4.84 9.12 -20.07
N THR C 204 -4.64 8.97 -21.40
CA THR C 204 -3.32 8.68 -21.98
C THR C 204 -2.64 9.88 -22.63
N VAL C 205 -1.35 10.06 -22.36
CA VAL C 205 -0.55 11.15 -22.92
C VAL C 205 0.53 10.52 -23.81
N GLU C 206 0.74 11.09 -25.00
CA GLU C 206 1.72 10.54 -25.93
C GLU C 206 2.76 11.57 -26.34
N LYS C 207 4.02 11.14 -26.46
CA LYS C 207 5.08 12.00 -26.96
C LYS C 207 5.87 11.21 -28.00
N THR C 208 6.30 11.84 -29.10
CA THR C 208 7.06 11.13 -30.13
C THR C 208 8.37 11.83 -30.49
N VAL C 209 9.35 11.06 -30.99
CA VAL C 209 10.63 11.63 -31.40
C VAL C 209 11.24 10.84 -32.59
N ALA C 210 12.06 11.52 -33.44
CA ALA C 210 12.67 10.90 -34.62
C ALA C 210 14.05 11.52 -35.03
N PRO C 211 14.97 10.78 -35.68
CA PRO C 211 16.29 11.39 -36.01
C PRO C 211 16.29 12.37 -37.18
N THR C 212 17.39 13.16 -37.35
CA THR C 212 17.57 14.13 -38.46
C THR C 212 19.05 14.55 -38.63
N GLN D 1 27.56 28.84 10.81
CA GLN D 1 26.87 27.97 11.78
C GLN D 1 27.41 26.51 11.72
N VAL D 2 27.03 25.67 12.72
CA VAL D 2 27.39 24.25 12.81
C VAL D 2 26.92 23.46 11.57
N GLU D 3 27.88 22.86 10.88
CA GLU D 3 27.63 22.08 9.69
C GLU D 3 28.34 20.74 9.76
N LEU D 4 27.66 19.67 9.34
CA LEU D 4 28.21 18.33 9.38
C LEU D 4 28.27 17.73 7.97
N GLN D 5 29.43 17.19 7.57
CA GLN D 5 29.58 16.61 6.25
C GLN D 5 30.20 15.22 6.34
N GLU D 6 29.42 14.20 5.99
CA GLU D 6 29.91 12.83 5.99
C GLU D 6 30.86 12.63 4.82
N SER D 7 31.78 11.66 4.97
CA SER D 7 32.79 11.28 3.96
C SER D 7 33.04 9.80 4.11
N GLY D 8 33.27 9.12 3.00
CA GLY D 8 33.57 7.70 3.03
C GLY D 8 33.21 6.99 1.76
N PRO D 9 33.82 5.80 1.55
CA PRO D 9 33.52 5.01 0.35
C PRO D 9 32.04 4.68 0.23
N GLY D 10 31.56 4.67 -0.99
CA GLY D 10 30.17 4.36 -1.25
C GLY D 10 29.91 2.89 -1.42
N LEU D 11 30.96 2.08 -1.57
CA LEU D 11 30.80 0.65 -1.78
C LEU D 11 31.71 -0.11 -0.83
N VAL D 12 31.15 -1.13 -0.17
CA VAL D 12 31.92 -1.95 0.75
C VAL D 12 31.63 -3.41 0.44
N LYS D 13 32.68 -4.23 0.28
CA LYS D 13 32.50 -5.63 -0.04
C LYS D 13 31.97 -6.43 1.16
N PRO D 14 31.11 -7.44 0.92
CA PRO D 14 30.54 -8.23 2.04
C PRO D 14 31.58 -8.87 2.96
N SER D 15 31.36 -8.65 4.25
CA SER D 15 32.26 -9.00 5.35
C SER D 15 33.55 -8.15 5.33
N GLY D 16 33.40 -6.91 4.87
CA GLY D 16 34.46 -5.91 4.83
C GLY D 16 34.30 -4.94 5.97
N THR D 17 34.82 -3.72 5.81
CA THR D 17 34.74 -2.73 6.87
C THR D 17 34.29 -1.39 6.33
N LEU D 18 33.18 -0.88 6.89
CA LEU D 18 32.62 0.41 6.54
C LEU D 18 33.32 1.42 7.40
N SER D 19 33.85 2.48 6.80
CA SER D 19 34.51 3.53 7.57
C SER D 19 34.09 4.88 7.05
N LEU D 20 33.44 5.65 7.93
CA LEU D 20 32.99 6.99 7.59
C LEU D 20 33.57 8.04 8.52
N THR D 21 33.62 9.28 8.05
CA THR D 21 34.11 10.39 8.84
C THR D 21 33.21 11.59 8.68
N CYS D 22 32.69 12.10 9.79
CA CYS D 22 31.88 13.30 9.76
C CYS D 22 32.78 14.50 10.08
N ALA D 23 32.77 15.51 9.22
CA ALA D 23 33.61 16.70 9.39
C ALA D 23 32.80 17.90 9.94
N VAL D 24 33.06 18.23 11.20
CA VAL D 24 32.37 19.31 11.87
C VAL D 24 32.97 20.65 11.48
N SER D 25 32.09 21.59 11.11
CA SER D 25 32.42 22.95 10.67
C SER D 25 31.59 23.93 11.48
N GLY D 26 32.13 25.09 11.73
CA GLY D 26 31.42 26.12 12.49
C GLY D 26 31.16 25.74 13.94
N GLY D 27 32.06 24.92 14.49
CA GLY D 27 31.90 24.47 15.89
C GLY D 27 32.91 23.38 16.23
N SER D 28 33.60 23.52 17.37
CA SER D 28 34.63 22.53 17.78
C SER D 28 33.96 21.21 18.17
N ILE D 29 34.61 20.09 17.85
CA ILE D 29 34.06 18.74 18.25
C ILE D 29 34.27 18.57 19.75
N SER D 30 35.06 19.46 20.36
CA SER D 30 35.32 19.39 21.82
C SER D 30 34.14 20.00 22.58
N SER D 31 33.05 20.31 21.87
CA SER D 31 31.83 20.85 22.53
C SER D 31 31.18 19.74 23.36
N ASN D 32 30.38 20.11 24.37
CA ASN D 32 29.67 19.10 25.19
C ASN D 32 28.47 18.58 24.40
N ASN D 33 28.73 17.88 23.29
CA ASN D 33 27.63 17.33 22.45
C ASN D 33 27.97 15.89 22.07
N TRP D 34 27.03 14.97 22.29
CA TRP D 34 27.27 13.56 21.98
C TRP D 34 27.15 13.44 20.46
N TRP D 35 28.31 13.28 19.77
CA TRP D 35 28.36 13.18 18.32
C TRP D 35 27.86 11.82 17.93
N THR D 36 26.76 11.75 17.18
CA THR D 36 26.16 10.46 16.93
C THR D 36 26.02 10.10 15.44
N TRP D 37 25.98 8.78 15.15
CA TRP D 37 25.72 8.28 13.82
C TRP D 37 24.34 7.62 13.85
N VAL D 38 23.50 7.90 12.84
CA VAL D 38 22.16 7.33 12.68
C VAL D 38 22.05 6.84 11.24
N ARG D 39 21.52 5.63 10.98
CA ARG D 39 21.42 5.13 9.60
C ARG D 39 20.01 4.91 9.15
N GLN D 40 19.81 4.80 7.83
CA GLN D 40 18.49 4.62 7.27
C GLN D 40 18.52 3.80 5.98
N PRO D 41 18.18 2.50 6.06
CA PRO D 41 18.11 1.70 4.83
C PRO D 41 17.08 2.27 3.87
N PRO D 42 17.35 2.16 2.55
CA PRO D 42 16.45 2.80 1.56
C PRO D 42 14.99 2.43 1.70
N GLY D 43 14.15 3.44 1.86
CA GLY D 43 12.72 3.24 2.05
C GLY D 43 12.29 2.71 3.41
N LYS D 44 13.26 2.42 4.29
CA LYS D 44 13.01 1.93 5.65
C LYS D 44 13.24 3.05 6.70
N GLY D 45 12.86 2.82 7.97
CA GLY D 45 13.00 3.81 9.02
C GLY D 45 14.39 4.16 9.50
N LEU D 46 14.48 4.98 10.57
CA LEU D 46 15.75 5.40 11.14
C LEU D 46 16.22 4.45 12.23
N GLU D 47 17.53 4.25 12.34
CA GLU D 47 18.12 3.39 13.36
C GLU D 47 19.32 4.09 14.01
N TRP D 48 19.27 4.33 15.33
CA TRP D 48 20.38 4.97 16.03
C TRP D 48 21.56 3.99 16.12
N ILE D 49 22.74 4.42 15.63
CA ILE D 49 23.91 3.54 15.66
C ILE D 49 24.70 3.67 16.96
N GLY D 50 25.05 4.88 17.34
CA GLY D 50 25.79 5.10 18.58
C GLY D 50 26.23 6.53 18.73
N GLU D 51 27.00 6.80 19.77
CA GLU D 51 27.47 8.13 20.05
C GLU D 51 28.85 8.16 20.65
N ILE D 52 29.46 9.33 20.56
CA ILE D 52 30.78 9.54 21.13
C ILE D 52 30.97 10.97 21.63
N HIS D 53 31.69 11.09 22.74
CA HIS D 53 32.00 12.40 23.36
C HIS D 53 33.51 12.62 23.29
N HIS D 54 33.94 13.86 23.33
CA HIS D 54 35.38 14.18 23.21
C HIS D 54 36.14 13.54 24.37
N SER D 55 35.53 13.52 25.54
CA SER D 55 36.13 12.89 26.73
C SER D 55 36.53 11.46 26.40
N GLY D 56 35.87 10.86 25.42
CA GLY D 56 36.23 9.50 24.97
C GLY D 56 35.10 8.53 25.19
N GLY D 57 34.02 9.02 25.78
CA GLY D 57 32.86 8.15 26.05
C GLY D 57 32.22 7.64 24.78
N THR D 58 31.74 6.41 24.83
CA THR D 58 31.10 5.79 23.67
C THR D 58 29.82 5.10 24.13
N ASN D 59 28.86 4.94 23.25
CA ASN D 59 27.65 4.16 23.59
C ASN D 59 27.08 3.71 22.27
N TYR D 60 26.84 2.42 22.11
CA TYR D 60 26.41 1.89 20.80
C TYR D 60 25.13 1.06 20.91
N ASN D 61 24.44 0.92 19.79
CA ASN D 61 23.19 0.12 19.76
C ASN D 61 23.54 -1.25 20.29
N PRO D 62 22.79 -1.86 21.22
CA PRO D 62 23.11 -3.23 21.64
C PRO D 62 23.13 -4.19 20.45
N SER D 63 22.24 -3.95 19.48
CA SER D 63 22.09 -4.69 18.24
C SER D 63 23.40 -4.74 17.39
N LEU D 64 24.26 -3.68 17.43
CA LEU D 64 25.50 -3.57 16.61
C LEU D 64 26.80 -3.39 17.43
N LYS D 65 26.72 -3.48 18.74
CA LYS D 65 27.84 -3.24 19.66
C LYS D 65 29.14 -4.00 19.33
N SER D 66 28.98 -5.30 19.04
CA SER D 66 30.03 -6.28 18.76
C SER D 66 30.82 -6.01 17.49
N ARG D 67 30.34 -5.11 16.62
CA ARG D 67 31.03 -4.84 15.36
C ARG D 67 31.06 -3.36 15.01
N VAL D 68 31.04 -2.48 16.02
CA VAL D 68 31.07 -1.04 15.79
C VAL D 68 32.07 -0.35 16.70
N THR D 69 32.75 0.66 16.14
CA THR D 69 33.72 1.47 16.89
C THR D 69 33.63 2.89 16.39
N MET D 70 33.73 3.89 17.25
CA MET D 70 33.75 5.30 16.83
C MET D 70 34.96 6.00 17.45
N SER D 71 35.36 7.14 16.88
CA SER D 71 36.58 7.83 17.35
C SER D 71 36.48 9.35 17.16
N VAL D 72 37.36 10.10 17.82
CA VAL D 72 37.39 11.55 17.65
C VAL D 72 38.79 12.07 17.31
N ASP D 73 38.88 12.86 16.25
CA ASP D 73 40.12 13.48 15.85
C ASP D 73 39.98 14.96 16.12
N LYS D 74 40.48 15.41 17.27
CA LYS D 74 40.37 16.80 17.67
C LYS D 74 41.16 17.71 16.74
N SER D 75 42.33 17.25 16.25
CA SER D 75 43.17 18.04 15.35
C SER D 75 42.51 18.30 14.00
N LYS D 76 41.84 17.30 13.44
CA LYS D 76 41.12 17.43 12.17
C LYS D 76 39.69 18.01 12.34
N ASN D 77 39.17 18.02 13.59
CA ASN D 77 37.82 18.46 13.98
C ASN D 77 36.75 17.55 13.35
N GLN D 78 36.91 16.24 13.54
CA GLN D 78 35.97 15.27 12.99
C GLN D 78 35.83 14.00 13.83
N PHE D 79 34.71 13.32 13.68
CA PHE D 79 34.45 12.08 14.38
C PHE D 79 34.22 10.95 13.36
N SER D 80 34.51 9.70 13.74
CA SER D 80 34.48 8.58 12.81
C SER D 80 33.62 7.41 13.24
N LEU D 81 33.29 6.53 12.31
CA LEU D 81 32.50 5.33 12.55
C LEU D 81 33.14 4.19 11.78
N ASN D 82 33.26 3.01 12.41
CA ASN D 82 33.76 1.80 11.79
C ASN D 82 32.77 0.70 12.03
N LEU D 83 32.25 0.12 10.96
CA LEU D 83 31.31 -0.98 11.04
C LEU D 83 31.95 -2.21 10.41
N TYR D 84 32.41 -3.13 11.24
CA TYR D 84 33.09 -4.34 10.81
C TYR D 84 32.09 -5.45 10.46
N SER D 85 32.54 -6.43 9.61
CA SER D 85 31.77 -7.60 9.15
C SER D 85 30.42 -7.24 8.50
N VAL D 86 30.44 -6.26 7.57
CA VAL D 86 29.25 -5.74 6.92
C VAL D 86 28.50 -6.76 6.02
N THR D 87 27.18 -6.69 6.04
CA THR D 87 26.27 -7.53 5.26
C THR D 87 25.36 -6.64 4.41
N ALA D 88 24.58 -7.19 3.47
CA ALA D 88 23.64 -6.43 2.66
C ALA D 88 22.63 -5.67 3.52
N ALA D 89 22.33 -6.19 4.72
CA ALA D 89 21.44 -5.53 5.67
C ALA D 89 21.98 -4.15 6.07
N ASP D 90 23.30 -3.99 6.09
CA ASP D 90 23.97 -2.74 6.45
C ASP D 90 24.04 -1.72 5.30
N THR D 91 23.31 -1.95 4.19
CA THR D 91 23.25 -0.98 3.08
C THR D 91 22.24 0.07 3.54
N ALA D 92 22.67 1.33 3.72
CA ALA D 92 21.78 2.37 4.23
C ALA D 92 22.38 3.77 3.98
N VAL D 93 21.60 4.86 4.21
CA VAL D 93 22.11 6.20 4.15
C VAL D 93 22.58 6.52 5.58
N TYR D 94 23.86 6.82 5.73
CA TYR D 94 24.47 7.05 7.03
C TYR D 94 24.56 8.52 7.32
N TYR D 95 23.89 8.95 8.37
CA TYR D 95 23.81 10.34 8.78
C TYR D 95 24.64 10.56 10.01
N CYS D 96 25.39 11.67 10.04
CA CYS D 96 26.12 12.04 11.24
C CYS D 96 25.35 13.23 11.80
N THR D 97 24.95 13.12 13.07
CA THR D 97 24.17 14.15 13.75
C THR D 97 24.75 14.40 15.14
N ARG D 98 24.09 15.22 15.96
CA ARG D 98 24.60 15.54 17.32
C ARG D 98 23.44 15.86 18.27
N ASP D 99 23.60 15.49 19.55
CA ASP D 99 22.55 15.76 20.57
C ASP D 99 22.63 17.25 20.96
N ARG D 100 21.48 17.84 21.27
CA ARG D 100 21.44 19.28 21.67
C ARG D 100 22.31 19.47 22.92
N ALA D 101 22.75 18.38 23.56
CA ALA D 101 23.53 18.48 24.80
C ALA D 101 24.43 17.25 24.97
N GLY D 102 25.25 17.22 26.03
CA GLY D 102 26.14 16.08 26.28
C GLY D 102 25.65 15.21 27.42
N GLY D 103 24.33 15.22 27.68
CA GLY D 103 23.75 14.40 28.75
C GLY D 103 22.82 13.34 28.20
N THR D 104 21.69 13.08 28.88
CA THR D 104 20.71 12.09 28.41
C THR D 104 20.09 12.57 27.10
N TYR D 105 19.59 11.65 26.27
CA TYR D 105 19.04 12.04 24.94
C TYR D 105 18.18 13.30 25.07
N SER D 106 18.52 14.35 24.32
CA SER D 106 17.74 15.61 24.35
C SER D 106 17.30 15.99 22.92
N GLY D 107 17.45 15.06 21.97
CA GLY D 107 17.06 15.33 20.57
C GLY D 107 18.25 15.74 19.73
N PHE D 108 18.22 15.41 18.43
CA PHE D 108 19.36 15.73 17.52
C PHE D 108 19.04 17.02 16.75
N ASP D 109 19.87 18.06 16.93
CA ASP D 109 19.64 19.31 16.24
C ASP D 109 20.26 19.39 14.86
N PHE D 110 21.60 19.23 14.74
CA PHE D 110 22.29 19.36 13.46
C PHE D 110 22.55 18.06 12.82
N TRP D 111 22.35 17.98 11.52
CA TRP D 111 22.57 16.73 10.77
C TRP D 111 23.44 16.98 9.55
N GLY D 112 23.98 15.90 9.02
CA GLY D 112 24.72 15.92 7.76
C GLY D 112 23.75 15.68 6.62
N GLN D 113 24.24 15.70 5.36
CA GLN D 113 23.33 15.47 4.22
C GLN D 113 23.02 13.96 4.02
N GLY D 114 23.88 13.10 4.55
CA GLY D 114 23.78 11.65 4.48
C GLY D 114 24.68 11.09 3.41
N THR D 115 25.21 9.91 3.63
CA THR D 115 26.06 9.24 2.66
C THR D 115 25.52 7.87 2.47
N LEU D 116 25.10 7.56 1.24
CA LEU D 116 24.61 6.24 0.95
C LEU D 116 25.79 5.30 0.91
N VAL D 117 25.66 4.19 1.60
CA VAL D 117 26.67 3.15 1.60
C VAL D 117 26.05 1.84 1.12
N THR D 118 26.50 1.40 -0.04
CA THR D 118 25.99 0.21 -0.72
C THR D 118 26.98 -0.93 -0.48
N VAL D 119 26.50 -1.94 0.26
CA VAL D 119 27.32 -3.16 0.56
C VAL D 119 26.93 -4.22 -0.45
N SER D 120 27.80 -4.46 -1.44
CA SER D 120 27.55 -5.42 -2.49
C SER D 120 28.86 -6.10 -2.92
N SER D 121 28.75 -7.34 -3.41
CA SER D 121 29.91 -8.07 -3.92
C SER D 121 30.34 -7.54 -5.31
N ALA D 122 29.42 -6.84 -6.05
CA ALA D 122 29.65 -6.27 -7.37
C ALA D 122 30.77 -5.22 -7.39
N SER D 123 31.36 -4.97 -8.57
CA SER D 123 32.45 -4.01 -8.72
C SER D 123 31.95 -2.61 -9.11
N THR D 124 32.73 -1.59 -8.75
CA THR D 124 32.42 -0.19 -9.05
C THR D 124 32.54 0.09 -10.54
N LYS D 125 31.50 0.73 -11.11
CA LYS D 125 31.39 1.12 -12.52
C LYS D 125 31.08 2.61 -12.67
N GLY D 126 31.93 3.33 -13.36
CA GLY D 126 31.70 4.75 -13.60
C GLY D 126 30.59 4.94 -14.63
N PRO D 127 30.08 6.17 -14.73
CA PRO D 127 28.97 6.42 -15.65
C PRO D 127 29.41 6.93 -17.04
N SER D 128 28.48 6.91 -17.99
CA SER D 128 28.73 7.46 -19.32
C SER D 128 27.70 8.55 -19.47
N VAL D 129 28.14 9.82 -19.52
CA VAL D 129 27.22 10.95 -19.60
C VAL D 129 27.04 11.47 -21.04
N PHE D 130 25.77 11.68 -21.44
CA PHE D 130 25.40 12.17 -22.76
C PHE D 130 24.49 13.37 -22.64
N PRO D 131 24.66 14.41 -23.47
CA PRO D 131 23.75 15.57 -23.40
C PRO D 131 22.41 15.30 -24.10
N LEU D 132 21.35 16.05 -23.73
CA LEU D 132 20.03 15.85 -24.29
C LEU D 132 19.45 17.15 -24.82
N ALA D 133 19.56 17.36 -26.15
CA ALA D 133 19.09 18.55 -26.89
C ALA D 133 17.58 18.81 -26.78
N PRO D 134 17.17 20.09 -26.69
CA PRO D 134 15.73 20.40 -26.57
C PRO D 134 14.94 20.34 -27.88
N GLY D 142 6.82 29.26 -25.90
CA GLY D 142 6.53 28.55 -24.66
C GLY D 142 7.79 28.12 -23.91
N THR D 143 7.76 26.94 -23.24
CA THR D 143 8.95 26.48 -22.52
C THR D 143 9.55 25.17 -23.07
N ALA D 144 10.89 25.14 -23.20
CA ALA D 144 11.64 23.99 -23.70
C ALA D 144 12.45 23.28 -22.58
N ALA D 145 12.84 22.02 -22.81
CA ALA D 145 13.58 21.26 -21.81
C ALA D 145 14.76 20.54 -22.41
N LEU D 146 15.92 20.71 -21.78
CA LEU D 146 17.18 20.05 -22.15
C LEU D 146 17.71 19.28 -20.93
N GLY D 147 18.39 18.16 -21.17
CA GLY D 147 18.89 17.34 -20.07
C GLY D 147 20.25 16.71 -20.18
N CYS D 148 20.48 15.73 -19.31
CA CYS D 148 21.72 15.00 -19.16
C CYS D 148 21.38 13.55 -18.87
N LEU D 149 21.81 12.62 -19.72
CA LEU D 149 21.60 11.20 -19.48
C LEU D 149 22.85 10.64 -18.85
N VAL D 150 22.74 10.13 -17.62
CA VAL D 150 23.86 9.50 -16.94
C VAL D 150 23.62 7.98 -16.97
N LYS D 151 24.16 7.32 -18.01
CA LYS D 151 23.93 5.91 -18.27
C LYS D 151 24.94 4.99 -17.59
N ASP D 152 24.49 3.77 -17.28
CA ASP D 152 25.34 2.72 -16.66
C ASP D 152 26.36 2.94 -15.54
N TYR D 153 25.88 3.35 -14.37
CA TYR D 153 26.77 3.49 -13.19
C TYR D 153 26.43 2.61 -12.00
N PHE D 154 27.42 2.32 -11.16
CA PHE D 154 27.13 1.56 -9.93
C PHE D 154 28.30 1.74 -8.98
N PRO D 155 28.07 2.19 -7.73
CA PRO D 155 26.73 2.21 -7.12
C PRO D 155 26.07 3.58 -7.11
N GLU D 156 24.86 3.66 -6.54
CA GLU D 156 24.19 4.93 -6.36
C GLU D 156 24.95 5.74 -5.29
N PRO D 157 24.96 7.08 -5.35
CA PRO D 157 24.25 7.98 -6.25
C PRO D 157 25.20 8.79 -7.16
N VAL D 158 24.61 9.65 -8.01
CA VAL D 158 25.38 10.52 -8.89
C VAL D 158 24.88 11.97 -8.80
N THR D 159 25.73 12.88 -8.35
CA THR D 159 25.38 14.28 -8.15
C THR D 159 25.32 15.02 -9.48
N VAL D 160 24.17 15.64 -9.79
CA VAL D 160 24.05 16.41 -11.02
C VAL D 160 23.78 17.88 -10.75
N SER D 161 24.74 18.73 -11.13
CA SER D 161 24.65 20.18 -10.98
C SER D 161 24.45 20.84 -12.36
N TRP D 162 23.82 22.03 -12.37
CA TRP D 162 23.64 22.76 -13.62
C TRP D 162 24.24 24.15 -13.51
N ASN D 163 25.12 24.52 -14.46
CA ASN D 163 25.84 25.79 -14.51
C ASN D 163 26.71 25.99 -13.26
N SER D 164 27.32 24.88 -12.77
CA SER D 164 28.17 24.81 -11.58
C SER D 164 27.47 25.28 -10.28
N GLY D 165 26.14 25.16 -10.24
CA GLY D 165 25.35 25.54 -9.08
C GLY D 165 24.50 26.78 -9.27
N ALA D 166 24.78 27.57 -10.32
CA ALA D 166 24.04 28.80 -10.59
C ALA D 166 22.63 28.57 -11.12
N LEU D 167 22.34 27.36 -11.62
CA LEU D 167 21.02 27.02 -12.14
C LEU D 167 20.33 26.06 -11.21
N THR D 168 19.36 26.60 -10.45
CA THR D 168 18.59 25.84 -9.47
C THR D 168 17.10 25.71 -9.86
N SER D 169 16.57 26.70 -10.59
CA SER D 169 15.17 26.68 -10.98
C SER D 169 14.91 25.87 -12.24
N GLY D 170 13.85 25.06 -12.18
CA GLY D 170 13.45 24.20 -13.29
C GLY D 170 14.25 22.91 -13.38
N VAL D 171 15.18 22.68 -12.44
CA VAL D 171 16.02 21.49 -12.45
C VAL D 171 15.39 20.33 -11.72
N HIS D 172 15.18 19.22 -12.45
CA HIS D 172 14.58 18.01 -11.91
C HIS D 172 15.46 16.80 -12.24
N THR D 173 16.17 16.26 -11.22
CA THR D 173 16.95 15.05 -11.42
C THR D 173 16.05 13.94 -11.00
N PHE D 174 15.86 12.98 -11.89
CA PHE D 174 14.96 11.86 -11.67
C PHE D 174 15.61 10.72 -10.93
N PRO D 175 14.82 9.98 -10.12
CA PRO D 175 15.38 8.80 -9.46
C PRO D 175 15.82 7.77 -10.50
N ALA D 176 17.02 7.19 -10.29
CA ALA D 176 17.69 6.24 -11.18
C ALA D 176 16.91 4.95 -11.44
N VAL D 177 17.17 4.31 -12.59
CA VAL D 177 16.55 3.05 -12.93
C VAL D 177 17.56 1.92 -12.75
N LEU D 178 17.18 0.91 -11.98
CA LEU D 178 18.07 -0.24 -11.78
C LEU D 178 17.75 -1.19 -12.92
N GLN D 179 18.64 -1.23 -13.91
CA GLN D 179 18.52 -2.08 -15.09
C GLN D 179 18.67 -3.57 -14.78
N SER D 180 18.25 -4.44 -15.72
CA SER D 180 18.38 -5.88 -15.57
C SER D 180 19.86 -6.29 -15.38
N SER D 181 20.79 -5.53 -16.00
CA SER D 181 22.24 -5.72 -15.88
C SER D 181 22.79 -5.38 -14.47
N GLY D 182 21.95 -4.84 -13.58
CA GLY D 182 22.38 -4.42 -12.25
C GLY D 182 23.09 -3.08 -12.24
N LEU D 183 22.82 -2.24 -13.26
CA LEU D 183 23.43 -0.91 -13.38
C LEU D 183 22.38 0.17 -13.33
N TYR D 184 22.80 1.40 -13.01
CA TYR D 184 21.84 2.50 -12.92
C TYR D 184 21.88 3.43 -14.11
N SER D 185 20.76 4.06 -14.40
CA SER D 185 20.66 5.05 -15.45
C SER D 185 19.77 6.13 -14.90
N LEU D 186 20.27 7.34 -14.91
CA LEU D 186 19.58 8.47 -14.31
C LEU D 186 19.50 9.64 -15.28
N SER D 187 18.48 10.49 -15.17
CA SER D 187 18.35 11.64 -16.05
C SER D 187 18.05 12.90 -15.30
N SER D 188 18.74 13.99 -15.64
CA SER D 188 18.50 15.28 -15.00
C SER D 188 18.10 16.24 -16.09
N VAL D 189 16.94 16.86 -15.95
CA VAL D 189 16.47 17.80 -16.95
C VAL D 189 16.30 19.19 -16.37
N VAL D 190 16.23 20.19 -17.25
CA VAL D 190 15.98 21.56 -16.82
C VAL D 190 15.06 22.26 -17.82
N THR D 191 13.93 22.77 -17.34
CA THR D 191 12.98 23.47 -18.20
C THR D 191 13.27 24.97 -18.18
N VAL D 192 13.67 25.52 -19.34
CA VAL D 192 13.99 26.94 -19.53
C VAL D 192 13.09 27.59 -20.63
N PRO D 193 12.98 28.94 -20.72
CA PRO D 193 12.13 29.54 -21.77
C PRO D 193 12.68 29.37 -23.18
N SER D 194 11.78 29.48 -24.18
CA SER D 194 12.13 29.31 -25.60
C SER D 194 13.13 30.34 -26.14
N SER D 195 13.23 31.50 -25.48
CA SER D 195 14.14 32.56 -25.91
C SER D 195 15.59 32.24 -25.53
N SER D 196 15.80 31.79 -24.29
CA SER D 196 17.11 31.47 -23.71
C SER D 196 17.84 30.28 -24.35
N LEU D 197 17.20 29.58 -25.28
CA LEU D 197 17.78 28.39 -25.90
C LEU D 197 19.13 28.66 -26.58
N GLY D 198 19.16 29.62 -27.51
CA GLY D 198 20.42 29.97 -28.17
C GLY D 198 21.14 31.15 -27.55
N THR D 199 20.47 31.88 -26.63
CA THR D 199 21.03 33.07 -26.01
C THR D 199 21.77 32.76 -24.69
N GLN D 200 21.38 31.69 -23.98
CA GLN D 200 22.04 31.34 -22.72
C GLN D 200 22.72 29.97 -22.81
N THR D 201 23.95 29.90 -22.26
CA THR D 201 24.76 28.70 -22.26
C THR D 201 24.42 27.80 -21.03
N TYR D 202 24.30 26.47 -21.27
CA TYR D 202 23.92 25.49 -20.23
C TYR D 202 24.92 24.35 -20.12
N ILE D 203 25.63 24.26 -19.00
CA ILE D 203 26.59 23.18 -18.79
C ILE D 203 26.07 22.17 -17.74
N CYS D 204 26.40 20.89 -17.93
CA CYS D 204 25.93 19.84 -17.05
C CYS D 204 27.09 19.22 -16.25
N ASN D 205 27.11 19.41 -14.91
CA ASN D 205 28.18 18.88 -14.06
C ASN D 205 27.79 17.56 -13.39
N VAL D 206 28.28 16.44 -13.90
CA VAL D 206 27.98 15.12 -13.34
C VAL D 206 29.12 14.65 -12.44
N ASN D 207 28.80 14.16 -11.24
CA ASN D 207 29.77 13.69 -10.28
C ASN D 207 29.44 12.30 -9.72
N HIS D 208 30.36 11.34 -9.89
CA HIS D 208 30.19 10.01 -9.31
C HIS D 208 31.33 9.84 -8.33
N LYS D 209 31.04 9.96 -7.03
CA LYS D 209 32.07 9.81 -5.99
C LYS D 209 32.71 8.40 -5.95
N PRO D 210 31.93 7.29 -6.03
CA PRO D 210 32.56 5.96 -5.99
C PRO D 210 33.50 5.60 -7.15
N SER D 211 33.62 6.48 -8.12
CA SER D 211 34.50 6.27 -9.27
C SER D 211 35.39 7.49 -9.57
N ASN D 212 35.39 8.53 -8.70
CA ASN D 212 36.15 9.77 -8.89
C ASN D 212 35.79 10.44 -10.23
N THR D 213 34.53 10.27 -10.69
CA THR D 213 34.08 10.80 -11.97
C THR D 213 33.61 12.25 -11.85
N LYS D 214 34.17 13.13 -12.68
CA LYS D 214 33.85 14.56 -12.72
C LYS D 214 33.79 15.03 -14.15
N VAL D 215 32.67 14.75 -14.83
CA VAL D 215 32.50 15.09 -16.23
C VAL D 215 31.54 16.26 -16.43
N ASP D 216 31.88 17.19 -17.33
CA ASP D 216 31.06 18.37 -17.66
C ASP D 216 30.45 18.28 -19.07
N LYS D 217 29.35 19.03 -19.31
CA LYS D 217 28.71 19.05 -20.63
C LYS D 217 28.37 20.47 -21.10
N GLN E 1 -27.19 -28.89 -12.82
CA GLN E 1 -27.88 -27.64 -12.48
C GLN E 1 -27.72 -26.59 -13.61
N VAL E 2 -27.68 -25.28 -13.30
CA VAL E 2 -27.59 -24.20 -14.29
C VAL E 2 -26.31 -24.26 -15.12
N GLU E 3 -26.47 -24.40 -16.45
CA GLU E 3 -25.36 -24.47 -17.38
C GLU E 3 -25.57 -23.52 -18.55
N LEU E 4 -24.52 -22.80 -18.94
CA LEU E 4 -24.57 -21.86 -20.04
C LEU E 4 -23.60 -22.25 -21.15
N GLN E 5 -24.09 -22.34 -22.39
CA GLN E 5 -23.25 -22.73 -23.51
C GLN E 5 -23.37 -21.74 -24.66
N GLU E 6 -22.29 -21.01 -24.94
CA GLU E 6 -22.27 -20.04 -26.03
C GLU E 6 -22.23 -20.80 -27.37
N SER E 7 -22.76 -20.15 -28.42
CA SER E 7 -22.80 -20.66 -29.79
C SER E 7 -22.65 -19.48 -30.74
N GLY E 8 -21.95 -19.67 -31.85
CA GLY E 8 -21.77 -18.60 -32.83
C GLY E 8 -20.50 -18.73 -33.63
N PRO E 9 -20.48 -18.08 -34.81
CA PRO E 9 -19.32 -18.17 -35.70
C PRO E 9 -18.02 -17.72 -35.04
N GLY E 10 -16.93 -18.37 -35.43
CA GLY E 10 -15.61 -18.05 -34.90
C GLY E 10 -14.91 -16.92 -35.66
N LEU E 11 -15.40 -16.59 -36.87
CA LEU E 11 -14.79 -15.56 -37.69
C LEU E 11 -15.84 -14.59 -38.17
N VAL E 12 -15.57 -13.29 -38.07
CA VAL E 12 -16.49 -12.26 -38.54
C VAL E 12 -15.69 -11.25 -39.37
N LYS E 13 -16.17 -10.95 -40.57
CA LYS E 13 -15.46 -10.02 -41.45
C LYS E 13 -15.59 -8.57 -40.94
N PRO E 14 -14.54 -7.75 -41.11
CA PRO E 14 -14.59 -6.35 -40.63
C PRO E 14 -15.75 -5.53 -41.19
N SER E 15 -16.44 -4.88 -40.27
CA SER E 15 -17.67 -4.14 -40.47
C SER E 15 -18.84 -5.08 -40.82
N GLY E 16 -18.79 -6.29 -40.23
CA GLY E 16 -19.82 -7.31 -40.33
C GLY E 16 -20.66 -7.33 -39.07
N THR E 17 -21.29 -8.48 -38.79
CA THR E 17 -22.14 -8.58 -37.61
C THR E 17 -21.85 -9.84 -36.83
N LEU E 18 -21.48 -9.65 -35.55
CA LEU E 18 -21.21 -10.74 -34.63
C LEU E 18 -22.55 -11.14 -34.03
N SER E 19 -22.87 -12.43 -34.06
CA SER E 19 -24.12 -12.90 -33.47
C SER E 19 -23.88 -14.16 -32.69
N LEU E 20 -24.15 -14.09 -31.38
CA LEU E 20 -23.96 -15.21 -30.49
C LEU E 20 -25.24 -15.58 -29.76
N THR E 21 -25.34 -16.82 -29.34
CA THR E 21 -26.49 -17.30 -28.59
C THR E 21 -26.04 -18.14 -27.42
N CYS E 22 -26.48 -17.76 -26.22
CA CYS E 22 -26.17 -18.52 -25.03
C CYS E 22 -27.37 -19.42 -24.73
N ALA E 23 -27.13 -20.73 -24.58
CA ALA E 23 -28.18 -21.68 -24.32
C ALA E 23 -28.25 -22.12 -22.85
N VAL E 24 -29.33 -21.69 -22.18
CA VAL E 24 -29.45 -21.94 -20.71
C VAL E 24 -30.06 -23.32 -20.46
N SER E 25 -29.35 -24.13 -19.67
CA SER E 25 -29.84 -25.48 -19.30
C SER E 25 -29.87 -25.54 -17.79
N GLY E 26 -30.90 -26.16 -17.22
CA GLY E 26 -31.00 -26.29 -15.76
C GLY E 26 -31.77 -25.14 -15.15
N GLY E 27 -32.39 -24.33 -15.99
CA GLY E 27 -33.18 -23.19 -15.50
C GLY E 27 -33.87 -22.48 -16.63
N SER E 28 -34.76 -21.56 -16.31
CA SER E 28 -35.54 -20.85 -17.35
C SER E 28 -35.01 -19.43 -17.49
N ILE E 29 -34.96 -18.93 -18.73
CA ILE E 29 -34.54 -17.52 -18.94
C ILE E 29 -35.64 -16.66 -18.34
N SER E 30 -36.68 -17.31 -17.83
CA SER E 30 -37.81 -16.59 -17.20
C SER E 30 -37.52 -16.45 -15.70
N SER E 31 -36.29 -16.73 -15.30
CA SER E 31 -35.89 -16.56 -13.90
C SER E 31 -35.63 -15.08 -13.66
N ASN E 32 -35.74 -14.64 -12.41
CA ASN E 32 -35.44 -13.24 -12.10
C ASN E 32 -33.92 -13.09 -12.11
N ASN E 33 -33.33 -13.17 -13.29
CA ASN E 33 -31.87 -13.01 -13.41
C ASN E 33 -31.57 -12.10 -14.60
N TRP E 34 -30.59 -11.21 -14.48
CA TRP E 34 -30.20 -10.37 -15.60
C TRP E 34 -29.15 -11.17 -16.39
N TRP E 35 -29.54 -11.69 -17.56
CA TRP E 35 -28.68 -12.50 -18.40
C TRP E 35 -27.71 -11.57 -19.07
N THR E 36 -26.41 -11.77 -18.81
CA THR E 36 -25.41 -10.84 -19.32
C THR E 36 -24.41 -11.45 -20.35
N TRP E 37 -23.72 -10.57 -21.09
CA TRP E 37 -22.62 -10.91 -21.98
C TRP E 37 -21.40 -10.10 -21.50
N VAL E 38 -20.25 -10.75 -21.34
CA VAL E 38 -19.00 -10.14 -20.90
C VAL E 38 -17.91 -10.60 -21.86
N ARG E 39 -17.03 -9.71 -22.35
CA ARG E 39 -15.98 -10.16 -23.29
C ARG E 39 -14.58 -9.96 -22.74
N GLN E 40 -13.60 -10.64 -23.37
CA GLN E 40 -12.23 -10.54 -22.93
C GLN E 40 -11.25 -10.68 -24.06
N PRO E 41 -10.71 -9.55 -24.56
CA PRO E 41 -9.70 -9.63 -25.62
C PRO E 41 -8.47 -10.40 -25.13
N PRO E 42 -7.84 -11.18 -26.03
CA PRO E 42 -6.67 -11.99 -25.62
C PRO E 42 -5.59 -11.23 -24.87
N GLY E 43 -5.28 -11.70 -23.66
CA GLY E 43 -4.29 -11.08 -22.80
C GLY E 43 -4.72 -9.76 -22.15
N LYS E 44 -5.94 -9.30 -22.45
CA LYS E 44 -6.49 -8.06 -21.88
C LYS E 44 -7.59 -8.40 -20.83
N GLY E 45 -8.04 -7.40 -20.07
CA GLY E 45 -9.01 -7.63 -19.01
C GLY E 45 -10.44 -7.93 -19.44
N LEU E 46 -11.37 -7.94 -18.47
CA LEU E 46 -12.78 -8.21 -18.73
C LEU E 46 -13.52 -6.92 -19.03
N GLU E 47 -14.50 -6.99 -19.92
CA GLU E 47 -15.31 -5.84 -20.28
C GLU E 47 -16.77 -6.23 -20.30
N TRP E 48 -17.59 -5.59 -19.46
CA TRP E 48 -19.02 -5.91 -19.40
C TRP E 48 -19.69 -5.36 -20.67
N ILE E 49 -20.42 -6.21 -21.40
CA ILE E 49 -21.06 -5.77 -22.61
C ILE E 49 -22.48 -5.26 -22.37
N GLY E 50 -23.35 -6.13 -21.86
CA GLY E 50 -24.76 -5.73 -21.64
C GLY E 50 -25.57 -6.78 -20.91
N GLU E 51 -26.79 -6.44 -20.53
CA GLU E 51 -27.66 -7.38 -19.76
C GLU E 51 -29.06 -7.41 -20.35
N ILE E 52 -29.78 -8.51 -20.14
CA ILE E 52 -31.19 -8.57 -20.60
C ILE E 52 -32.05 -9.35 -19.61
N HIS E 53 -33.20 -8.81 -19.24
CA HIS E 53 -34.17 -9.45 -18.36
C HIS E 53 -35.25 -10.10 -19.22
N HIS E 54 -35.89 -11.21 -18.77
CA HIS E 54 -36.93 -11.86 -19.58
C HIS E 54 -38.08 -10.92 -19.90
N SER E 55 -38.41 -10.01 -18.96
CA SER E 55 -39.39 -8.94 -19.11
C SER E 55 -39.15 -8.06 -20.37
N GLY E 56 -37.95 -8.11 -20.91
CA GLY E 56 -37.55 -7.34 -22.08
C GLY E 56 -36.58 -6.21 -21.78
N GLY E 57 -36.33 -5.94 -20.49
CA GLY E 57 -35.41 -4.88 -20.11
C GLY E 57 -33.99 -5.10 -20.57
N THR E 58 -33.32 -4.02 -21.00
CA THR E 58 -31.94 -4.10 -21.48
C THR E 58 -31.07 -2.97 -20.90
N ASN E 59 -29.77 -3.21 -20.83
CA ASN E 59 -28.83 -2.22 -20.34
C ASN E 59 -27.50 -2.55 -20.98
N TYR E 60 -26.94 -1.58 -21.69
CA TYR E 60 -25.69 -1.84 -22.45
C TYR E 60 -24.59 -0.88 -22.04
N ASN E 61 -23.34 -1.30 -22.21
CA ASN E 61 -22.17 -0.45 -21.88
C ASN E 61 -22.31 0.86 -22.63
N PRO E 62 -22.03 2.01 -21.99
CA PRO E 62 -22.08 3.28 -22.68
C PRO E 62 -21.18 3.27 -23.91
N SER E 63 -20.16 2.41 -23.92
CA SER E 63 -19.17 2.43 -25.03
C SER E 63 -19.66 1.66 -26.25
N LEU E 64 -20.68 0.84 -26.12
CA LEU E 64 -21.07 -0.02 -27.26
C LEU E 64 -22.57 0.10 -27.53
N LYS E 65 -23.25 1.04 -26.88
CA LYS E 65 -24.73 1.14 -27.01
C LYS E 65 -25.12 1.37 -28.47
N SER E 66 -24.19 1.81 -29.31
CA SER E 66 -24.54 2.16 -30.70
C SER E 66 -24.53 0.95 -31.62
N ARG E 67 -23.93 -0.16 -31.18
CA ARG E 67 -23.78 -1.33 -32.09
C ARG E 67 -24.18 -2.62 -31.40
N VAL E 68 -24.92 -2.53 -30.29
CA VAL E 68 -25.23 -3.77 -29.52
C VAL E 68 -26.74 -3.97 -29.41
N THR E 69 -27.20 -5.20 -29.61
CA THR E 69 -28.63 -5.54 -29.42
C THR E 69 -28.69 -6.92 -28.78
N MET E 70 -29.56 -7.10 -27.79
CA MET E 70 -29.67 -8.41 -27.12
C MET E 70 -31.14 -8.85 -27.12
N SER E 71 -31.37 -10.15 -27.08
CA SER E 71 -32.76 -10.66 -27.17
C SER E 71 -32.91 -11.93 -26.36
N VAL E 72 -34.15 -12.37 -26.17
CA VAL E 72 -34.42 -13.60 -25.37
C VAL E 72 -35.49 -14.43 -26.08
N ASP E 73 -35.25 -15.73 -26.21
CA ASP E 73 -36.23 -16.66 -26.84
C ASP E 73 -36.62 -17.68 -25.80
N LYS E 74 -37.80 -17.51 -25.21
CA LYS E 74 -38.23 -18.41 -24.12
C LYS E 74 -38.54 -19.76 -24.73
N SER E 75 -38.85 -19.78 -26.02
CA SER E 75 -39.23 -21.04 -26.70
C SER E 75 -38.08 -22.03 -26.62
N LYS E 76 -36.85 -21.54 -26.80
CA LYS E 76 -35.66 -22.41 -26.79
C LYS E 76 -34.87 -22.25 -25.49
N ASN E 77 -35.29 -21.32 -24.63
CA ASN E 77 -34.56 -21.05 -23.37
C ASN E 77 -33.17 -20.56 -23.73
N GLN E 78 -33.08 -19.43 -24.42
CA GLN E 78 -31.73 -18.89 -24.70
C GLN E 78 -31.76 -17.37 -24.89
N PHE E 79 -30.63 -16.71 -24.65
CA PHE E 79 -30.53 -15.25 -24.85
C PHE E 79 -29.50 -15.03 -25.95
N SER E 80 -29.57 -13.89 -26.64
CA SER E 80 -28.68 -13.69 -27.79
C SER E 80 -28.06 -12.30 -27.79
N LEU E 81 -26.99 -12.13 -28.56
CA LEU E 81 -26.29 -10.84 -28.63
C LEU E 81 -25.92 -10.56 -30.08
N ASN E 82 -26.01 -9.31 -30.49
CA ASN E 82 -25.62 -8.92 -31.87
C ASN E 82 -24.71 -7.69 -31.75
N LEU E 83 -23.48 -7.79 -32.24
CA LEU E 83 -22.55 -6.64 -32.27
C LEU E 83 -22.35 -6.23 -33.72
N TYR E 84 -22.98 -5.13 -34.13
CA TYR E 84 -22.88 -4.60 -35.48
C TYR E 84 -21.62 -3.74 -35.69
N SER E 85 -21.17 -3.62 -36.97
CA SER E 85 -20.01 -2.82 -37.41
C SER E 85 -18.70 -3.21 -36.67
N VAL E 86 -18.42 -4.51 -36.60
CA VAL E 86 -17.26 -5.05 -35.87
C VAL E 86 -15.88 -4.64 -36.45
N THR E 87 -14.93 -4.40 -35.56
CA THR E 87 -13.55 -4.03 -35.88
C THR E 87 -12.59 -5.05 -35.22
N ALA E 88 -11.28 -5.00 -35.55
CA ALA E 88 -10.29 -5.89 -34.93
C ALA E 88 -10.27 -5.73 -33.41
N ALA E 89 -10.64 -4.55 -32.90
CA ALA E 89 -10.72 -4.28 -31.47
C ALA E 89 -11.75 -5.23 -30.79
N ASP E 90 -12.79 -5.63 -31.53
CA ASP E 90 -13.83 -6.52 -31.05
C ASP E 90 -13.45 -8.00 -31.09
N THR E 91 -12.16 -8.35 -31.34
CA THR E 91 -11.70 -9.75 -31.32
C THR E 91 -11.51 -10.07 -29.84
N ALA E 92 -12.28 -11.04 -29.30
CA ALA E 92 -12.22 -11.34 -27.88
C ALA E 92 -12.88 -12.71 -27.58
N VAL E 93 -12.73 -13.23 -26.34
CA VAL E 93 -13.45 -14.42 -25.90
C VAL E 93 -14.75 -13.90 -25.27
N TYR E 94 -15.88 -14.33 -25.82
CA TYR E 94 -17.19 -13.86 -25.42
C TYR E 94 -17.84 -14.82 -24.48
N TYR E 95 -18.11 -14.35 -23.28
CA TYR E 95 -18.69 -15.16 -22.22
C TYR E 95 -20.12 -14.76 -21.98
N CYS E 96 -20.96 -15.78 -21.74
CA CYS E 96 -22.37 -15.55 -21.38
C CYS E 96 -22.55 -15.96 -19.92
N THR E 97 -22.88 -15.00 -19.05
CA THR E 97 -23.09 -15.28 -17.61
C THR E 97 -24.45 -14.74 -17.17
N ARG E 98 -24.70 -14.70 -15.87
CA ARG E 98 -25.98 -14.21 -15.33
C ARG E 98 -25.76 -13.59 -13.96
N ASP E 99 -26.59 -12.63 -13.57
CA ASP E 99 -26.49 -12.06 -12.21
C ASP E 99 -27.19 -13.04 -11.27
N ARG E 100 -26.74 -13.09 -10.02
CA ARG E 100 -27.30 -14.06 -9.07
C ARG E 100 -28.78 -13.76 -8.85
N ALA E 101 -29.23 -12.59 -9.29
CA ALA E 101 -30.65 -12.20 -9.09
C ALA E 101 -31.11 -11.23 -10.18
N GLY E 102 -32.25 -10.57 -10.01
CA GLY E 102 -32.81 -9.70 -11.05
C GLY E 102 -32.84 -8.23 -10.70
N GLY E 103 -31.93 -7.82 -9.85
CA GLY E 103 -31.88 -6.41 -9.42
C GLY E 103 -30.51 -5.82 -9.61
N THR E 104 -29.96 -5.17 -8.59
CA THR E 104 -28.66 -4.48 -8.84
C THR E 104 -27.53 -5.50 -8.81
N TYR E 105 -26.34 -5.12 -9.30
CA TYR E 105 -25.18 -6.03 -9.35
C TYR E 105 -25.24 -6.85 -8.07
N SER E 106 -25.35 -8.18 -8.19
CA SER E 106 -25.28 -9.09 -7.02
C SER E 106 -24.14 -10.06 -7.26
N GLY E 107 -23.49 -9.93 -8.41
CA GLY E 107 -22.44 -10.88 -8.80
C GLY E 107 -22.89 -11.76 -9.93
N PHE E 108 -21.96 -12.18 -10.79
CA PHE E 108 -22.30 -13.10 -11.88
C PHE E 108 -21.91 -14.50 -11.41
N ASP E 109 -22.89 -15.33 -11.06
CA ASP E 109 -22.62 -16.66 -10.53
C ASP E 109 -22.23 -17.71 -11.58
N PHE E 110 -23.09 -17.95 -12.58
CA PHE E 110 -22.86 -18.96 -13.59
C PHE E 110 -22.31 -18.38 -14.85
N TRP E 111 -21.35 -19.06 -15.45
CA TRP E 111 -20.74 -18.61 -16.69
C TRP E 111 -20.72 -19.71 -17.73
N GLY E 112 -20.51 -19.31 -18.98
CA GLY E 112 -20.30 -20.24 -20.08
C GLY E 112 -18.81 -20.52 -20.19
N GLN E 113 -18.42 -21.41 -21.13
CA GLN E 113 -17.00 -21.72 -21.28
C GLN E 113 -16.21 -20.63 -22.06
N GLY E 114 -16.94 -19.84 -22.83
CA GLY E 114 -16.42 -18.76 -23.64
C GLY E 114 -16.27 -19.17 -25.08
N THR E 115 -16.48 -18.23 -26.00
CA THR E 115 -16.35 -18.51 -27.42
C THR E 115 -15.45 -17.45 -27.98
N LEU E 116 -14.31 -17.86 -28.54
CA LEU E 116 -13.39 -16.93 -29.13
C LEU E 116 -13.98 -16.48 -30.45
N VAL E 117 -13.90 -15.18 -30.72
CA VAL E 117 -14.37 -14.70 -32.05
C VAL E 117 -13.26 -13.86 -32.66
N THR E 118 -12.82 -14.25 -33.86
CA THR E 118 -11.72 -13.53 -34.55
C THR E 118 -12.33 -12.69 -35.66
N VAL E 119 -12.25 -11.37 -35.55
CA VAL E 119 -12.74 -10.44 -36.60
C VAL E 119 -11.56 -10.17 -37.53
N SER E 120 -11.54 -10.83 -38.68
CA SER E 120 -10.41 -10.67 -39.64
C SER E 120 -10.93 -10.75 -41.06
N SER E 121 -10.34 -9.98 -41.97
CA SER E 121 -10.73 -10.05 -43.40
C SER E 121 -10.18 -11.33 -44.00
N ALA E 122 -9.16 -11.91 -43.39
CA ALA E 122 -8.64 -13.19 -43.88
C ALA E 122 -9.73 -14.28 -43.98
N SER E 123 -9.48 -15.29 -44.84
CA SER E 123 -10.44 -16.35 -45.07
C SER E 123 -10.20 -17.54 -44.14
N THR E 124 -11.27 -18.30 -43.86
CA THR E 124 -11.22 -19.50 -43.04
C THR E 124 -10.44 -20.62 -43.74
N LYS E 125 -9.47 -21.19 -43.04
CA LYS E 125 -8.66 -22.28 -43.57
C LYS E 125 -8.60 -23.44 -42.59
N GLY E 126 -8.92 -24.63 -43.09
CA GLY E 126 -8.89 -25.84 -42.30
C GLY E 126 -7.48 -26.31 -42.01
N PRO E 127 -7.33 -27.21 -41.04
CA PRO E 127 -5.99 -27.69 -40.68
C PRO E 127 -5.53 -28.97 -41.39
N SER E 128 -4.23 -29.27 -41.32
CA SER E 128 -3.67 -30.50 -41.88
C SER E 128 -3.07 -31.22 -40.70
N VAL E 129 -3.63 -32.37 -40.31
CA VAL E 129 -3.17 -33.09 -39.14
C VAL E 129 -2.22 -34.25 -39.48
N PHE E 130 -1.09 -34.33 -38.76
CA PHE E 130 -0.05 -35.34 -38.95
C PHE E 130 0.28 -36.03 -37.63
N PRO E 131 0.51 -37.35 -37.64
CA PRO E 131 0.86 -38.02 -36.37
C PRO E 131 2.34 -37.82 -35.99
N LEU E 132 2.65 -37.97 -34.70
CA LEU E 132 4.02 -37.79 -34.21
C LEU E 132 4.47 -39.01 -33.42
N ALA E 133 5.20 -39.93 -34.07
CA ALA E 133 5.69 -41.20 -33.53
C ALA E 133 6.61 -41.07 -32.31
N PRO E 134 6.49 -41.99 -31.33
CA PRO E 134 7.34 -41.91 -30.13
C PRO E 134 8.76 -42.43 -30.31
N SER E 135 9.64 -42.13 -29.33
CA SER E 135 11.07 -42.47 -29.33
C SER E 135 11.42 -43.96 -29.17
N SER E 136 12.12 -44.49 -30.19
CA SER E 136 12.60 -45.86 -30.22
C SER E 136 13.99 -45.96 -29.57
N GLY E 141 13.21 -43.03 -21.86
CA GLY E 141 13.39 -43.83 -20.66
C GLY E 141 12.24 -43.80 -19.66
N GLY E 142 11.73 -45.00 -19.31
CA GLY E 142 10.61 -45.20 -18.37
C GLY E 142 9.21 -44.92 -18.92
N THR E 143 9.10 -43.85 -19.68
CA THR E 143 7.86 -43.39 -20.31
C THR E 143 8.16 -42.73 -21.67
N ALA E 144 7.29 -43.00 -22.66
CA ALA E 144 7.42 -42.46 -24.02
C ALA E 144 6.31 -41.43 -24.34
N ALA E 145 6.55 -40.57 -25.34
CA ALA E 145 5.58 -39.54 -25.72
C ALA E 145 5.32 -39.50 -27.22
N LEU E 146 4.05 -39.51 -27.59
CA LEU E 146 3.57 -39.44 -28.96
C LEU E 146 2.60 -38.25 -29.10
N GLY E 147 2.54 -37.64 -30.27
CA GLY E 147 1.67 -36.48 -30.45
C GLY E 147 0.93 -36.33 -31.76
N CYS E 148 0.37 -35.13 -31.95
CA CYS E 148 -0.37 -34.78 -33.15
C CYS E 148 -0.10 -33.37 -33.57
N LEU E 149 0.46 -33.20 -34.77
CA LEU E 149 0.75 -31.88 -35.28
C LEU E 149 -0.45 -31.39 -36.08
N VAL E 150 -1.06 -30.30 -35.61
CA VAL E 150 -2.16 -29.67 -36.40
C VAL E 150 -1.53 -28.46 -37.08
N LYS E 151 -1.46 -28.47 -38.42
CA LYS E 151 -0.74 -27.40 -39.14
C LYS E 151 -1.69 -26.55 -39.98
N ASP E 152 -1.44 -25.25 -39.99
CA ASP E 152 -1.88 -24.34 -41.07
C ASP E 152 -3.40 -24.20 -40.99
N TYR E 153 -3.90 -23.44 -40.00
CA TYR E 153 -5.36 -23.28 -39.79
C TYR E 153 -5.71 -21.85 -39.36
N PHE E 154 -6.92 -21.41 -39.71
CA PHE E 154 -7.38 -20.07 -39.30
C PHE E 154 -8.89 -20.01 -39.50
N PRO E 155 -9.67 -19.68 -38.45
CA PRO E 155 -9.13 -19.12 -37.24
C PRO E 155 -9.06 -20.08 -36.06
N GLU E 156 -8.54 -19.62 -34.93
CA GLU E 156 -8.53 -20.46 -33.71
C GLU E 156 -9.90 -20.34 -33.04
N PRO E 157 -10.39 -21.34 -32.29
CA PRO E 157 -9.56 -22.38 -31.70
C PRO E 157 -9.70 -23.79 -32.32
N VAL E 158 -8.69 -24.64 -32.14
CA VAL E 158 -8.76 -26.05 -32.60
C VAL E 158 -8.80 -26.92 -31.36
N THR E 159 -9.60 -27.98 -31.39
CA THR E 159 -9.76 -28.83 -30.20
C THR E 159 -9.12 -30.18 -30.47
N VAL E 160 -8.35 -30.69 -29.50
CA VAL E 160 -7.66 -31.98 -29.69
C VAL E 160 -7.98 -32.93 -28.54
N SER E 161 -8.72 -33.99 -28.83
CA SER E 161 -9.06 -35.01 -27.86
C SER E 161 -8.28 -36.29 -28.15
N TRP E 162 -8.03 -37.10 -27.13
CA TRP E 162 -7.30 -38.35 -27.33
C TRP E 162 -8.16 -39.52 -26.93
N ASN E 163 -8.31 -40.47 -27.86
CA ASN E 163 -9.16 -41.65 -27.72
C ASN E 163 -10.62 -41.27 -27.45
N SER E 164 -11.09 -40.26 -28.19
CA SER E 164 -12.43 -39.70 -28.14
C SER E 164 -12.87 -39.26 -26.72
N GLY E 165 -11.90 -38.89 -25.89
CA GLY E 165 -12.17 -38.42 -24.54
C GLY E 165 -11.74 -39.36 -23.44
N ALA E 166 -11.48 -40.64 -23.78
CA ALA E 166 -11.07 -41.64 -22.79
C ALA E 166 -9.66 -41.45 -22.26
N LEU E 167 -8.81 -40.70 -22.97
CA LEU E 167 -7.46 -40.46 -22.55
C LEU E 167 -7.30 -39.02 -22.11
N THR E 168 -7.24 -38.83 -20.79
CA THR E 168 -7.12 -37.50 -20.17
C THR E 168 -5.78 -37.31 -19.45
N SER E 169 -5.18 -38.41 -18.96
CA SER E 169 -3.91 -38.30 -18.24
C SER E 169 -2.70 -38.27 -19.14
N GLY E 170 -1.78 -37.36 -18.84
CA GLY E 170 -0.56 -37.18 -19.61
C GLY E 170 -0.73 -36.35 -20.87
N VAL E 171 -1.96 -35.83 -21.12
CA VAL E 171 -2.26 -35.06 -22.32
C VAL E 171 -1.99 -33.59 -22.12
N HIS E 172 -1.14 -33.02 -22.97
CA HIS E 172 -0.79 -31.61 -22.95
C HIS E 172 -0.92 -30.99 -24.35
N THR E 173 -1.96 -30.19 -24.58
CA THR E 173 -2.10 -29.49 -25.85
C THR E 173 -1.45 -28.13 -25.66
N PHE E 174 -0.50 -27.82 -26.53
CA PHE E 174 0.27 -26.61 -26.42
C PHE E 174 -0.41 -25.43 -27.11
N PRO E 175 -0.16 -24.21 -26.59
CA PRO E 175 -0.69 -23.02 -27.27
C PRO E 175 -0.12 -22.90 -28.69
N ALA E 176 -0.99 -22.59 -29.65
CA ALA E 176 -0.67 -22.47 -31.08
C ALA E 176 0.38 -21.40 -31.42
N VAL E 177 1.07 -21.59 -32.55
CA VAL E 177 2.06 -20.62 -33.03
C VAL E 177 1.46 -19.86 -34.21
N LEU E 178 1.48 -18.53 -34.12
CA LEU E 178 0.99 -17.72 -35.22
C LEU E 178 2.18 -17.51 -36.13
N GLN E 179 2.20 -18.24 -37.25
CA GLN E 179 3.28 -18.18 -38.23
C GLN E 179 3.30 -16.86 -39.01
N SER E 180 4.42 -16.54 -39.68
CA SER E 180 4.50 -15.31 -40.47
C SER E 180 3.45 -15.28 -41.59
N SER E 181 3.06 -16.46 -42.09
CA SER E 181 2.00 -16.63 -43.10
C SER E 181 0.58 -16.29 -42.58
N GLY E 182 0.45 -16.04 -41.28
CA GLY E 182 -0.84 -15.75 -40.65
C GLY E 182 -1.65 -17.01 -40.38
N LEU E 183 -1.00 -18.18 -40.33
CA LEU E 183 -1.69 -19.44 -40.05
C LEU E 183 -1.20 -19.99 -38.72
N TYR E 184 -2.02 -20.81 -38.04
CA TYR E 184 -1.66 -21.39 -36.77
C TYR E 184 -1.15 -22.81 -36.89
N SER E 185 -0.29 -23.21 -35.97
CA SER E 185 0.21 -24.56 -35.91
C SER E 185 0.24 -24.91 -34.45
N LEU E 186 -0.39 -26.00 -34.11
CA LEU E 186 -0.56 -26.41 -32.73
C LEU E 186 -0.15 -27.87 -32.54
N SER E 187 0.32 -28.23 -31.34
CA SER E 187 0.73 -29.60 -31.09
C SER E 187 0.16 -30.12 -29.79
N SER E 188 -0.36 -31.35 -29.83
CA SER E 188 -0.90 -32.00 -28.63
C SER E 188 -0.10 -33.26 -28.40
N VAL E 189 0.51 -33.41 -27.21
CA VAL E 189 1.33 -34.58 -26.92
C VAL E 189 0.82 -35.35 -25.69
N VAL E 190 1.03 -36.67 -25.67
CA VAL E 190 0.59 -37.50 -24.56
C VAL E 190 1.70 -38.45 -24.11
N THR E 191 2.06 -38.40 -22.81
CA THR E 191 3.08 -39.29 -22.27
C THR E 191 2.44 -40.55 -21.69
N VAL E 192 2.74 -41.72 -22.30
CA VAL E 192 2.24 -43.04 -21.91
C VAL E 192 3.40 -44.01 -21.55
N PRO E 193 3.16 -45.14 -20.85
CA PRO E 193 4.27 -46.04 -20.51
C PRO E 193 4.86 -46.78 -21.72
N SER E 194 6.11 -47.25 -21.60
CA SER E 194 6.84 -47.96 -22.65
C SER E 194 6.20 -49.28 -23.09
N SER E 195 5.37 -49.88 -22.23
CA SER E 195 4.71 -51.15 -22.54
C SER E 195 3.55 -50.95 -23.50
N SER E 196 2.71 -49.95 -23.22
CA SER E 196 1.50 -49.62 -23.97
C SER E 196 1.72 -49.13 -25.40
N LEU E 197 2.97 -48.92 -25.81
CA LEU E 197 3.30 -48.41 -27.13
C LEU E 197 2.71 -49.25 -28.28
N GLY E 198 3.03 -50.54 -28.32
CA GLY E 198 2.50 -51.42 -29.34
C GLY E 198 1.26 -52.20 -28.92
N THR E 199 0.92 -52.16 -27.62
CA THR E 199 -0.21 -52.91 -27.07
C THR E 199 -1.50 -52.08 -27.02
N GLN E 200 -1.40 -50.75 -26.93
CA GLN E 200 -2.58 -49.89 -26.87
C GLN E 200 -2.66 -48.95 -28.08
N THR E 201 -3.87 -48.82 -28.64
CA THR E 201 -4.18 -47.97 -29.79
C THR E 201 -4.41 -46.50 -29.38
N TYR E 202 -3.78 -45.55 -30.10
CA TYR E 202 -3.88 -44.12 -29.82
C TYR E 202 -4.32 -43.29 -30.99
N ILE E 203 -5.46 -42.62 -30.84
CA ILE E 203 -6.06 -41.80 -31.88
C ILE E 203 -6.33 -40.36 -31.43
N CYS E 204 -5.80 -39.38 -32.19
CA CYS E 204 -6.10 -37.98 -31.87
C CYS E 204 -7.29 -37.47 -32.69
N ASN E 205 -8.28 -36.99 -31.98
CA ASN E 205 -9.50 -36.49 -32.57
C ASN E 205 -9.37 -34.98 -32.63
N VAL E 206 -9.04 -34.48 -33.81
CA VAL E 206 -8.83 -33.06 -34.05
C VAL E 206 -10.11 -32.42 -34.59
N ASN E 207 -10.51 -31.28 -34.00
CA ASN E 207 -11.74 -30.59 -34.38
C ASN E 207 -11.51 -29.10 -34.63
N HIS E 208 -11.86 -28.64 -35.83
CA HIS E 208 -11.80 -27.22 -36.16
C HIS E 208 -13.23 -26.80 -36.47
N LYS E 209 -13.88 -26.11 -35.52
CA LYS E 209 -15.25 -25.64 -35.68
C LYS E 209 -15.42 -24.65 -36.86
N PRO E 210 -14.56 -23.63 -37.02
CA PRO E 210 -14.75 -22.67 -38.13
C PRO E 210 -14.61 -23.24 -39.54
N SER E 211 -14.27 -24.52 -39.67
CA SER E 211 -14.12 -25.18 -40.97
C SER E 211 -14.86 -26.53 -41.02
N ASN E 212 -15.66 -26.88 -39.99
CA ASN E 212 -16.38 -28.15 -39.89
C ASN E 212 -15.41 -29.34 -40.03
N THR E 213 -14.18 -29.19 -39.52
CA THR E 213 -13.15 -30.21 -39.62
C THR E 213 -13.25 -31.20 -38.45
N LYS E 214 -13.29 -32.49 -38.76
CA LYS E 214 -13.40 -33.58 -37.79
C LYS E 214 -12.52 -34.75 -38.26
N VAL E 215 -11.21 -34.63 -38.06
CA VAL E 215 -10.27 -35.65 -38.51
C VAL E 215 -9.72 -36.48 -37.34
N ASP E 216 -9.65 -37.81 -37.51
CA ASP E 216 -9.10 -38.72 -36.50
C ASP E 216 -7.75 -39.27 -36.99
N LYS E 217 -6.72 -39.37 -36.12
CA LYS E 217 -5.39 -39.83 -36.55
C LYS E 217 -4.76 -40.88 -35.66
N ARG E 218 -4.37 -42.01 -36.24
CA ARG E 218 -3.72 -43.08 -35.50
C ARG E 218 -2.25 -42.70 -35.38
N VAL E 219 -1.70 -42.81 -34.16
CA VAL E 219 -0.29 -42.48 -33.94
C VAL E 219 0.54 -43.75 -33.67
N GLU E 220 1.18 -44.30 -34.72
CA GLU E 220 1.95 -45.54 -34.66
C GLU E 220 3.45 -45.31 -34.40
N PRO E 221 4.17 -46.31 -33.84
CA PRO E 221 5.60 -46.10 -33.54
C PRO E 221 6.58 -46.12 -34.71
N LYS E 222 6.40 -47.04 -35.68
CA LYS E 222 7.29 -47.26 -36.84
C LYS E 222 8.66 -47.83 -36.41
N ALA F 2 -15.74 5.29 -16.31
CA ALA F 2 -15.65 3.84 -16.16
C ALA F 2 -14.20 3.36 -15.91
N VAL F 3 -13.39 4.14 -15.15
CA VAL F 3 -12.01 3.72 -14.85
C VAL F 3 -11.89 3.16 -13.43
N VAL F 4 -11.73 1.83 -13.32
CA VAL F 4 -11.59 1.17 -12.02
C VAL F 4 -10.18 0.55 -11.99
N THR F 5 -9.25 1.20 -11.27
CA THR F 5 -7.85 0.76 -11.27
C THR F 5 -7.45 -0.24 -10.21
N GLN F 6 -6.75 -1.25 -10.64
CA GLN F 6 -6.21 -2.27 -9.79
C GLN F 6 -4.71 -2.32 -10.03
N PRO F 7 -3.90 -2.77 -9.05
CA PRO F 7 -2.47 -2.94 -9.31
C PRO F 7 -2.26 -4.02 -10.38
N ALA F 8 -1.34 -3.81 -11.33
CA ALA F 8 -1.14 -4.75 -12.42
C ALA F 8 -0.73 -6.14 -11.94
N SER F 9 0.16 -6.23 -10.95
CA SER F 9 0.64 -7.49 -10.42
C SER F 9 0.85 -7.39 -8.92
N VAL F 10 0.56 -8.49 -8.22
CA VAL F 10 0.73 -8.62 -6.79
C VAL F 10 1.33 -9.98 -6.54
N SER F 11 2.48 -10.00 -5.87
CA SER F 11 3.16 -11.26 -5.59
C SER F 11 3.26 -11.55 -4.10
N GLY F 12 3.40 -12.83 -3.76
CA GLY F 12 3.55 -13.26 -2.38
C GLY F 12 4.02 -14.70 -2.26
N SER F 13 4.70 -15.05 -1.18
CA SER F 13 5.14 -16.43 -0.96
C SER F 13 4.00 -17.28 -0.30
N PRO F 14 4.07 -18.62 -0.33
CA PRO F 14 2.98 -19.42 0.28
C PRO F 14 2.86 -19.18 1.79
N GLY F 15 1.62 -19.22 2.28
CA GLY F 15 1.34 -18.94 3.69
C GLY F 15 1.11 -17.46 3.96
N GLN F 16 1.79 -16.59 3.19
CA GLN F 16 1.70 -15.14 3.30
C GLN F 16 0.28 -14.64 2.99
N SER F 17 -0.01 -13.39 3.37
CA SER F 17 -1.31 -12.80 3.07
C SER F 17 -1.11 -11.55 2.22
N ILE F 18 -1.90 -11.41 1.15
CA ILE F 18 -1.76 -10.28 0.25
C ILE F 18 -3.10 -9.57 0.05
N THR F 19 -3.04 -8.30 -0.33
CA THR F 19 -4.24 -7.53 -0.57
C THR F 19 -4.18 -6.84 -1.92
N ILE F 20 -5.27 -6.98 -2.67
CA ILE F 20 -5.44 -6.36 -3.98
C ILE F 20 -6.36 -5.19 -3.79
N SER F 21 -5.93 -4.01 -4.21
CA SER F 21 -6.76 -2.81 -4.12
C SER F 21 -7.62 -2.68 -5.39
N CYS F 22 -8.60 -1.80 -5.36
CA CYS F 22 -9.49 -1.57 -6.48
C CYS F 22 -10.06 -0.19 -6.26
N THR F 23 -9.48 0.83 -6.87
CA THR F 23 -9.95 2.20 -6.57
C THR F 23 -10.90 2.68 -7.66
N GLY F 24 -11.98 3.35 -7.27
CA GLY F 24 -12.96 3.84 -8.24
C GLY F 24 -13.47 5.22 -7.88
N THR F 25 -14.58 5.62 -8.49
CA THR F 25 -15.12 6.97 -8.26
C THR F 25 -16.25 6.93 -7.23
N SER F 26 -17.07 7.97 -7.22
CA SER F 26 -18.22 8.05 -6.30
C SER F 26 -19.44 7.45 -6.98
N SER F 27 -19.36 7.30 -8.30
CA SER F 27 -20.49 6.74 -9.08
C SER F 27 -20.35 5.23 -9.12
N ASP F 28 -19.30 4.72 -8.50
CA ASP F 28 -19.07 3.26 -8.59
C ASP F 28 -18.72 2.70 -7.21
N VAL F 29 -17.45 2.37 -7.01
CA VAL F 29 -17.06 1.68 -5.75
C VAL F 29 -17.35 2.59 -4.58
N GLY F 30 -17.58 3.87 -4.84
CA GLY F 30 -17.74 4.80 -3.71
C GLY F 30 -19.18 4.97 -3.28
N GLY F 31 -20.11 4.76 -4.19
CA GLY F 31 -21.52 5.03 -3.87
C GLY F 31 -22.33 3.80 -3.56
N TYR F 32 -21.90 2.64 -4.05
CA TYR F 32 -22.74 1.44 -3.86
C TYR F 32 -21.93 0.30 -3.25
N ASN F 33 -22.50 -0.41 -2.28
CA ASN F 33 -21.88 -1.58 -1.69
C ASN F 33 -22.13 -2.81 -2.55
N TYR F 34 -21.99 -2.65 -3.86
CA TYR F 34 -22.25 -3.71 -4.82
C TYR F 34 -20.95 -4.05 -5.56
N VAL F 35 -19.92 -4.44 -4.81
CA VAL F 35 -18.63 -4.76 -5.41
C VAL F 35 -18.44 -6.27 -5.45
N SER F 36 -17.87 -6.80 -6.53
CA SER F 36 -17.63 -8.22 -6.66
C SER F 36 -16.24 -8.53 -7.15
N TRP F 37 -15.63 -9.59 -6.64
CA TRP F 37 -14.30 -9.99 -7.07
C TRP F 37 -14.37 -11.32 -7.76
N TYR F 38 -13.54 -11.47 -8.79
CA TYR F 38 -13.50 -12.71 -9.56
C TYR F 38 -12.11 -13.28 -9.62
N GLN F 39 -12.03 -14.62 -9.64
CA GLN F 39 -10.76 -15.28 -9.80
C GLN F 39 -10.77 -15.93 -11.16
N GLN F 40 -9.79 -15.63 -12.01
CA GLN F 40 -9.72 -16.23 -13.33
C GLN F 40 -8.44 -16.99 -13.58
N HIS F 41 -8.59 -18.28 -13.74
CA HIS F 41 -7.53 -19.20 -14.07
C HIS F 41 -7.39 -19.23 -15.58
N PRO F 42 -6.15 -19.38 -16.09
CA PRO F 42 -5.94 -19.33 -17.54
C PRO F 42 -6.82 -20.27 -18.36
N GLY F 43 -7.45 -19.71 -19.39
CA GLY F 43 -8.30 -20.44 -20.31
C GLY F 43 -9.63 -20.89 -19.72
N LYS F 44 -10.04 -20.27 -18.60
CA LYS F 44 -11.30 -20.63 -17.95
C LYS F 44 -12.14 -19.38 -17.67
N ALA F 45 -13.45 -19.58 -17.46
CA ALA F 45 -14.33 -18.47 -17.12
C ALA F 45 -14.05 -17.97 -15.69
N PRO F 46 -14.25 -16.65 -15.45
CA PRO F 46 -14.04 -16.11 -14.11
C PRO F 46 -14.92 -16.80 -13.06
N LYS F 47 -14.45 -16.82 -11.81
CA LYS F 47 -15.17 -17.47 -10.72
C LYS F 47 -15.58 -16.39 -9.72
N LEU F 48 -16.85 -16.34 -9.29
CA LEU F 48 -17.22 -15.32 -8.27
C LEU F 48 -16.65 -15.69 -6.91
N MET F 49 -15.91 -14.78 -6.31
CA MET F 49 -15.23 -15.08 -5.04
C MET F 49 -15.82 -14.23 -3.93
N ILE F 50 -16.15 -12.97 -4.22
CA ILE F 50 -16.74 -12.06 -3.21
C ILE F 50 -17.90 -11.30 -3.85
N TYR F 51 -19.04 -11.23 -3.16
CA TYR F 51 -20.18 -10.44 -3.66
C TYR F 51 -20.61 -9.44 -2.59
N ASP F 52 -21.16 -8.31 -3.03
CA ASP F 52 -21.64 -7.28 -2.09
C ASP F 52 -20.50 -6.93 -1.13
N VAL F 53 -19.33 -6.60 -1.68
CA VAL F 53 -18.19 -6.10 -0.86
C VAL F 53 -17.54 -7.26 -0.08
N SER F 54 -18.32 -8.07 0.66
CA SER F 54 -17.67 -8.98 1.63
C SER F 54 -18.27 -10.38 1.70
N ASN F 55 -19.33 -10.66 0.96
CA ASN F 55 -20.00 -11.97 1.16
C ASN F 55 -19.38 -13.00 0.22
N ARG F 56 -19.09 -14.19 0.74
CA ARG F 56 -18.41 -15.23 -0.06
C ARG F 56 -19.40 -16.32 -0.43
N PRO F 57 -19.50 -16.65 -1.72
CA PRO F 57 -20.42 -17.65 -2.17
C PRO F 57 -20.23 -19.01 -1.50
N SER F 58 -21.28 -19.82 -1.51
CA SER F 58 -21.19 -21.19 -0.97
C SER F 58 -20.09 -21.96 -1.68
N GLY F 59 -19.11 -22.44 -0.92
CA GLY F 59 -18.00 -23.18 -1.49
C GLY F 59 -16.70 -22.40 -1.65
N VAL F 60 -16.74 -21.07 -1.53
CA VAL F 60 -15.52 -20.28 -1.62
C VAL F 60 -14.73 -20.40 -0.29
N SER F 61 -13.40 -20.58 -0.35
CA SER F 61 -12.55 -20.70 0.82
C SER F 61 -12.64 -19.47 1.67
N ASN F 62 -12.74 -19.67 2.99
CA ASN F 62 -12.83 -18.55 3.94
C ASN F 62 -11.55 -17.69 4.01
N ARG F 63 -10.47 -18.09 3.28
CA ARG F 63 -9.25 -17.30 3.18
C ARG F 63 -9.39 -16.06 2.28
N PHE F 64 -10.57 -15.85 1.68
CA PHE F 64 -10.85 -14.73 0.80
C PHE F 64 -11.77 -13.79 1.53
N SER F 65 -11.24 -12.62 1.84
CA SER F 65 -11.92 -11.59 2.60
C SER F 65 -12.15 -10.37 1.70
N GLY F 66 -13.34 -9.81 1.77
CA GLY F 66 -13.68 -8.62 1.01
C GLY F 66 -13.98 -7.45 1.92
N SER F 67 -13.43 -6.28 1.61
CA SER F 67 -13.68 -5.05 2.39
C SER F 67 -13.68 -3.80 1.49
N LYS F 68 -14.09 -2.65 2.01
CA LYS F 68 -14.15 -1.43 1.23
C LYS F 68 -14.00 -0.21 2.15
N SER F 69 -13.29 0.80 1.68
CA SER F 69 -13.09 2.02 2.44
C SER F 69 -13.17 3.20 1.47
N GLY F 70 -14.22 3.98 1.62
CA GLY F 70 -14.43 5.14 0.78
C GLY F 70 -14.69 4.72 -0.66
N ASN F 71 -13.73 5.04 -1.54
CA ASN F 71 -13.76 4.68 -2.97
C ASN F 71 -12.82 3.53 -3.30
N THR F 72 -12.42 2.71 -2.31
CA THR F 72 -11.49 1.61 -2.57
C THR F 72 -11.88 0.26 -1.97
N ALA F 73 -12.07 -0.73 -2.85
CA ALA F 73 -12.35 -2.11 -2.47
C ALA F 73 -11.03 -2.85 -2.28
N SER F 74 -11.04 -3.88 -1.42
CA SER F 74 -9.84 -4.65 -1.16
C SER F 74 -10.15 -6.09 -0.98
N LEU F 75 -9.55 -6.93 -1.82
CA LEU F 75 -9.69 -8.36 -1.68
C LEU F 75 -8.44 -8.80 -0.96
N THR F 76 -8.61 -9.56 0.12
CA THR F 76 -7.49 -10.04 0.90
C THR F 76 -7.46 -11.57 0.84
N ILE F 77 -6.31 -12.10 0.46
CA ILE F 77 -6.12 -13.55 0.39
C ILE F 77 -5.14 -13.88 1.46
N SER F 78 -5.59 -14.62 2.49
CA SER F 78 -4.73 -15.03 3.60
C SER F 78 -4.24 -16.46 3.38
N GLY F 79 -3.00 -16.75 3.81
CA GLY F 79 -2.45 -18.08 3.69
C GLY F 79 -2.32 -18.59 2.28
N LEU F 80 -1.74 -17.74 1.43
CA LEU F 80 -1.60 -18.01 -0.02
C LEU F 80 -1.31 -19.47 -0.34
N GLN F 81 -2.11 -20.04 -1.25
CA GLN F 81 -1.87 -21.44 -1.69
C GLN F 81 -1.54 -21.39 -3.18
N ALA F 82 -0.75 -22.34 -3.67
CA ALA F 82 -0.33 -22.33 -5.07
C ALA F 82 -1.48 -22.18 -6.07
N GLU F 83 -2.63 -22.77 -5.72
CA GLU F 83 -3.86 -22.74 -6.50
C GLU F 83 -4.51 -21.37 -6.57
N ASP F 84 -3.99 -20.38 -5.84
CA ASP F 84 -4.53 -19.02 -5.88
C ASP F 84 -3.89 -18.16 -6.99
N GLU F 85 -2.78 -18.64 -7.61
CA GLU F 85 -2.14 -17.93 -8.72
C GLU F 85 -3.14 -17.89 -9.88
N ALA F 86 -3.73 -16.72 -10.07
CA ALA F 86 -4.75 -16.46 -11.07
C ALA F 86 -4.87 -14.92 -11.30
N ASP F 87 -5.80 -14.44 -12.15
CA ASP F 87 -6.00 -13.02 -12.35
C ASP F 87 -7.20 -12.61 -11.54
N TYR F 88 -7.12 -11.50 -10.80
CA TYR F 88 -8.23 -11.07 -9.98
C TYR F 88 -8.86 -9.82 -10.53
N TYR F 89 -10.19 -9.83 -10.70
CA TYR F 89 -10.89 -8.68 -11.24
C TYR F 89 -11.98 -8.22 -10.29
N CYS F 90 -11.94 -6.96 -9.85
CA CYS F 90 -13.01 -6.39 -9.06
C CYS F 90 -14.06 -5.84 -10.07
N SER F 91 -15.25 -5.52 -9.58
CA SER F 91 -16.34 -5.01 -10.42
C SER F 91 -17.35 -4.28 -9.56
N SER F 92 -18.11 -3.36 -10.15
CA SER F 92 -19.08 -2.59 -9.39
C SER F 92 -20.22 -2.09 -10.25
N TYR F 93 -21.36 -1.86 -9.62
CA TYR F 93 -22.50 -1.22 -10.24
C TYR F 93 -22.15 0.28 -10.37
N THR F 94 -22.74 0.96 -11.34
CA THR F 94 -22.51 2.38 -11.57
C THR F 94 -23.82 3.15 -11.48
N SER F 95 -23.73 4.46 -11.23
CA SER F 95 -24.90 5.33 -11.22
C SER F 95 -25.70 5.29 -12.53
N SER F 96 -25.04 4.89 -13.64
CA SER F 96 -25.65 4.79 -14.96
C SER F 96 -26.46 3.48 -15.14
N SER F 97 -26.62 2.66 -14.07
CA SER F 97 -27.26 1.35 -14.11
C SER F 97 -26.45 0.37 -14.98
N THR F 98 -25.13 0.49 -14.95
CA THR F 98 -24.25 -0.40 -15.72
C THR F 98 -23.26 -1.10 -14.78
N VAL F 99 -22.51 -2.08 -15.29
CA VAL F 99 -21.51 -2.78 -14.51
C VAL F 99 -20.15 -2.48 -15.13
N VAL F 100 -19.15 -2.23 -14.30
CA VAL F 100 -17.81 -1.92 -14.80
C VAL F 100 -16.77 -2.83 -14.14
N PHE F 101 -15.78 -3.29 -14.89
CA PHE F 101 -14.75 -4.18 -14.36
C PHE F 101 -13.45 -3.43 -14.09
N GLY F 102 -12.62 -4.02 -13.24
CA GLY F 102 -11.30 -3.49 -12.94
C GLY F 102 -10.29 -3.90 -13.99
N GLY F 103 -9.11 -3.29 -13.93
CA GLY F 103 -8.05 -3.58 -14.90
C GLY F 103 -7.48 -4.98 -14.85
N GLY F 104 -7.64 -5.64 -13.71
CA GLY F 104 -7.12 -6.98 -13.50
C GLY F 104 -5.84 -6.95 -12.69
N THR F 105 -5.56 -8.02 -11.95
CA THR F 105 -4.35 -8.11 -11.15
C THR F 105 -3.80 -9.50 -11.29
N LYS F 106 -2.59 -9.62 -11.82
CA LYS F 106 -1.95 -10.91 -11.97
C LYS F 106 -1.42 -11.29 -10.58
N VAL F 107 -2.03 -12.28 -9.95
CA VAL F 107 -1.57 -12.70 -8.60
C VAL F 107 -0.62 -13.86 -8.74
N THR F 108 0.62 -13.67 -8.28
CA THR F 108 1.66 -14.71 -8.45
C THR F 108 2.18 -15.16 -7.09
N VAL F 109 2.12 -16.46 -6.83
CA VAL F 109 2.65 -17.02 -5.57
C VAL F 109 4.07 -17.50 -5.86
N LEU F 110 5.07 -16.92 -5.20
CA LEU F 110 6.49 -17.24 -5.47
C LEU F 110 6.66 -18.75 -5.65
N GLN F 111 7.48 -19.14 -6.62
CA GLN F 111 7.63 -20.56 -6.98
C GLN F 111 9.10 -20.94 -6.98
N PRO F 112 9.46 -22.22 -6.75
CA PRO F 112 10.84 -22.66 -6.86
C PRO F 112 11.14 -22.78 -8.36
N LYS F 113 12.39 -22.51 -8.76
CA LYS F 113 12.74 -22.54 -10.21
C LYS F 113 12.49 -23.93 -10.77
N ALA F 114 12.10 -23.99 -12.04
CA ALA F 114 11.79 -25.29 -12.67
C ALA F 114 12.51 -25.39 -14.00
N ASN F 115 13.25 -26.47 -14.20
CA ASN F 115 14.03 -26.64 -15.43
C ASN F 115 13.11 -27.27 -16.46
N PRO F 116 13.27 -26.98 -17.76
CA PRO F 116 12.31 -27.45 -18.73
C PRO F 116 12.32 -28.93 -19.10
N THR F 117 11.27 -29.37 -19.75
CA THR F 117 11.24 -30.76 -20.27
C THR F 117 11.06 -30.63 -21.77
N VAL F 118 12.07 -31.00 -22.56
CA VAL F 118 11.98 -30.79 -24.04
C VAL F 118 11.68 -32.11 -24.76
N THR F 119 10.89 -32.03 -25.83
CA THR F 119 10.56 -33.21 -26.64
C THR F 119 10.68 -32.81 -28.10
N LEU F 120 11.45 -33.54 -28.90
CA LEU F 120 11.67 -33.16 -30.31
C LEU F 120 11.11 -34.25 -31.21
N PHE F 121 10.23 -33.88 -32.11
CA PHE F 121 9.60 -34.87 -33.00
C PHE F 121 10.12 -34.68 -34.42
N PRO F 122 10.63 -35.75 -35.03
CA PRO F 122 11.18 -35.64 -36.36
C PRO F 122 10.08 -35.40 -37.38
N PRO F 123 10.40 -34.92 -38.58
CA PRO F 123 9.40 -34.71 -39.59
C PRO F 123 8.59 -36.00 -39.80
N SER F 124 7.34 -35.85 -40.22
CA SER F 124 6.44 -37.02 -40.42
C SER F 124 6.47 -37.48 -41.88
N SER F 125 6.70 -38.77 -42.08
CA SER F 125 6.78 -39.33 -43.45
C SER F 125 5.60 -38.81 -44.26
N GLU F 126 4.43 -38.78 -43.67
CA GLU F 126 3.22 -38.32 -44.39
C GLU F 126 3.49 -36.91 -44.89
N GLU F 127 4.04 -36.06 -44.04
CA GLU F 127 4.29 -34.66 -44.43
C GLU F 127 5.33 -34.68 -45.55
N LEU F 128 6.36 -35.51 -45.37
CA LEU F 128 7.44 -35.55 -46.38
C LEU F 128 6.83 -35.95 -47.73
N GLN F 129 5.76 -36.73 -47.70
CA GLN F 129 5.08 -37.15 -48.94
C GLN F 129 4.32 -35.96 -49.50
N ALA F 130 4.32 -34.85 -48.78
CA ALA F 130 3.70 -33.62 -49.31
C ALA F 130 4.81 -32.62 -49.59
N ASN F 131 6.06 -33.09 -49.58
CA ASN F 131 7.21 -32.22 -49.87
C ASN F 131 7.22 -31.06 -48.86
N LYS F 132 6.91 -31.36 -47.60
CA LYS F 132 7.00 -30.33 -46.53
C LYS F 132 7.66 -30.97 -45.31
N ALA F 133 8.45 -30.19 -44.57
CA ALA F 133 9.20 -30.75 -43.43
C ALA F 133 9.07 -29.84 -42.22
N THR F 134 8.59 -30.40 -41.11
CA THR F 134 8.45 -29.59 -39.88
C THR F 134 8.88 -30.42 -38.66
N LEU F 135 9.88 -29.93 -37.93
CA LEU F 135 10.29 -30.58 -36.67
C LEU F 135 9.63 -29.80 -35.53
N VAL F 136 9.29 -30.46 -34.42
CA VAL F 136 8.55 -29.79 -33.32
C VAL F 136 9.26 -29.96 -31.97
N CYS F 137 9.61 -28.84 -31.32
CA CYS F 137 10.28 -28.85 -30.00
C CYS F 137 9.28 -28.37 -28.98
N LEU F 138 8.83 -29.27 -28.11
CA LEU F 138 7.80 -28.92 -27.12
C LEU F 138 8.46 -28.76 -25.76
N ILE F 139 8.59 -27.53 -25.27
CA ILE F 139 9.23 -27.23 -23.97
C ILE F 139 8.14 -27.05 -22.92
N SER F 140 8.32 -27.64 -21.73
CA SER F 140 7.24 -27.61 -20.71
C SER F 140 7.76 -27.50 -19.27
N ASP F 141 6.85 -27.26 -18.32
CA ASP F 141 7.19 -27.22 -16.87
C ASP F 141 8.45 -26.41 -16.58
N PHE F 142 8.47 -25.14 -16.97
CA PHE F 142 9.64 -24.31 -16.63
C PHE F 142 9.25 -23.04 -15.86
N TYR F 143 10.09 -22.60 -14.92
CA TYR F 143 9.86 -21.34 -14.23
C TYR F 143 11.19 -20.69 -13.87
N PRO F 144 11.37 -19.35 -14.10
CA PRO F 144 10.42 -18.37 -14.67
C PRO F 144 10.07 -18.59 -16.14
N GLY F 145 9.06 -17.88 -16.61
CA GLY F 145 8.58 -18.04 -17.98
C GLY F 145 9.35 -17.33 -19.08
N ALA F 146 10.63 -17.67 -19.26
CA ALA F 146 11.44 -17.06 -20.31
C ALA F 146 12.57 -17.97 -20.70
N VAL F 147 12.50 -18.48 -21.92
CA VAL F 147 13.53 -19.36 -22.49
C VAL F 147 13.92 -18.86 -23.86
N THR F 148 15.08 -19.33 -24.37
CA THR F 148 15.51 -19.01 -25.71
C THR F 148 15.77 -20.35 -26.40
N VAL F 149 15.24 -20.49 -27.63
CA VAL F 149 15.39 -21.72 -28.40
C VAL F 149 16.31 -21.51 -29.55
N ALA F 150 17.37 -22.30 -29.61
CA ALA F 150 18.30 -22.26 -30.72
C ALA F 150 18.31 -23.61 -31.46
N TRP F 151 18.13 -23.61 -32.79
CA TRP F 151 18.23 -24.86 -33.54
C TRP F 151 19.65 -25.05 -34.05
N LYS F 152 20.03 -26.31 -34.31
CA LYS F 152 21.32 -26.69 -34.84
C LYS F 152 21.15 -27.79 -35.88
N ALA F 153 21.95 -27.74 -36.93
CA ALA F 153 21.95 -28.77 -37.97
C ALA F 153 23.40 -29.15 -38.01
N ASP F 154 23.75 -30.38 -37.60
CA ASP F 154 25.14 -30.86 -37.53
C ASP F 154 26.10 -29.95 -36.72
N GLY F 155 25.56 -29.25 -35.73
CA GLY F 155 26.34 -28.35 -34.90
C GLY F 155 26.29 -26.90 -35.33
N SER F 156 25.96 -26.65 -36.60
CA SER F 156 25.89 -25.29 -37.12
C SER F 156 24.47 -24.70 -37.03
N PRO F 157 24.39 -23.42 -36.63
CA PRO F 157 23.09 -22.80 -36.39
C PRO F 157 22.09 -22.74 -37.53
N VAL F 158 20.83 -22.94 -37.20
CA VAL F 158 19.72 -22.81 -38.14
C VAL F 158 18.91 -21.58 -37.66
N LYS F 159 18.94 -20.52 -38.47
CA LYS F 159 18.22 -19.28 -38.15
C LYS F 159 17.35 -18.93 -39.37
N ALA F 160 16.52 -19.88 -39.80
CA ALA F 160 15.66 -19.72 -40.98
C ALA F 160 14.50 -20.72 -40.92
N GLY F 161 13.29 -20.21 -40.91
CA GLY F 161 12.11 -21.05 -40.80
C GLY F 161 11.83 -21.49 -39.37
N VAL F 162 12.17 -20.66 -38.40
CA VAL F 162 11.95 -20.96 -37.00
C VAL F 162 10.81 -20.07 -36.45
N GLU F 163 9.82 -20.70 -35.81
CA GLU F 163 8.70 -19.97 -35.20
C GLU F 163 8.60 -20.44 -33.76
N THR F 164 8.77 -19.51 -32.81
CA THR F 164 8.73 -19.84 -31.40
C THR F 164 7.61 -19.11 -30.68
N THR F 165 6.83 -19.83 -29.88
CA THR F 165 5.73 -19.23 -29.14
C THR F 165 6.23 -18.50 -27.89
N LYS F 166 5.43 -17.56 -27.42
CA LYS F 166 5.68 -16.85 -26.19
C LYS F 166 5.34 -17.84 -25.06
N PRO F 167 6.13 -17.89 -23.97
CA PRO F 167 5.81 -18.84 -22.88
C PRO F 167 4.45 -18.51 -22.27
N SER F 168 3.62 -19.54 -22.07
CA SER F 168 2.28 -19.39 -21.51
C SER F 168 2.17 -20.22 -20.24
N LYS F 169 1.42 -19.73 -19.26
CA LYS F 169 1.25 -20.44 -18.00
C LYS F 169 0.35 -21.68 -18.17
N GLN F 170 0.85 -22.86 -17.76
CA GLN F 170 0.12 -24.11 -17.77
C GLN F 170 -0.80 -24.17 -16.52
N SER F 171 -1.65 -25.20 -16.43
CA SER F 171 -2.52 -25.39 -15.28
C SER F 171 -1.75 -25.41 -13.94
N ASN F 172 -0.53 -25.98 -13.91
CA ASN F 172 0.27 -26.06 -12.68
C ASN F 172 1.14 -24.82 -12.39
N ASN F 173 0.83 -23.68 -13.05
CA ASN F 173 1.49 -22.37 -12.90
C ASN F 173 2.94 -22.31 -13.44
N LYS F 174 3.44 -23.43 -14.00
CA LYS F 174 4.73 -23.49 -14.70
C LYS F 174 4.46 -23.09 -16.16
N TYR F 175 5.49 -22.70 -16.90
CA TYR F 175 5.30 -22.25 -18.28
C TYR F 175 5.50 -23.35 -19.33
N ALA F 176 5.07 -23.08 -20.58
CA ALA F 176 5.18 -23.98 -21.74
C ALA F 176 5.36 -23.19 -23.04
N ALA F 177 6.32 -23.62 -23.87
CA ALA F 177 6.58 -22.98 -25.16
C ALA F 177 6.83 -24.06 -26.24
N SER F 178 6.71 -23.69 -27.52
CA SER F 178 6.94 -24.62 -28.62
C SER F 178 7.65 -23.96 -29.80
N SER F 179 8.74 -24.57 -30.28
CA SER F 179 9.47 -24.05 -31.41
C SER F 179 9.24 -24.98 -32.61
N TYR F 180 8.85 -24.41 -33.74
CA TYR F 180 8.60 -25.19 -34.95
C TYR F 180 9.62 -24.84 -36.05
N LEU F 181 10.42 -25.81 -36.48
CA LEU F 181 11.40 -25.57 -37.54
C LEU F 181 10.88 -26.12 -38.84
N SER F 182 10.55 -25.22 -39.77
CA SER F 182 10.06 -25.62 -41.07
C SER F 182 11.16 -25.63 -42.12
N LEU F 183 11.59 -26.85 -42.46
CA LEU F 183 12.61 -27.19 -43.44
C LEU F 183 11.93 -27.61 -44.79
N THR F 184 12.75 -28.03 -45.76
CA THR F 184 12.29 -28.67 -46.99
C THR F 184 12.82 -30.12 -46.90
N PRO F 185 12.11 -31.10 -47.47
CA PRO F 185 12.61 -32.49 -47.41
C PRO F 185 14.08 -32.66 -47.82
N GLU F 186 14.51 -31.84 -48.78
CA GLU F 186 15.89 -31.86 -49.29
C GLU F 186 16.90 -31.45 -48.21
N GLN F 187 16.74 -30.25 -47.58
CA GLN F 187 17.67 -29.86 -46.51
C GLN F 187 17.52 -30.71 -45.24
N TRP F 188 16.37 -31.35 -45.07
CA TRP F 188 16.18 -32.26 -43.96
C TRP F 188 17.06 -33.50 -44.14
N LYS F 189 17.09 -34.01 -45.37
CA LYS F 189 17.87 -35.18 -45.77
C LYS F 189 19.39 -34.88 -45.68
N SER F 190 19.80 -33.67 -46.11
CA SER F 190 21.19 -33.22 -46.17
C SER F 190 21.98 -33.22 -44.85
N HIS F 191 21.31 -33.13 -43.69
CA HIS F 191 22.04 -33.06 -42.42
C HIS F 191 22.02 -34.40 -41.66
N ARG F 192 23.11 -34.68 -40.96
CA ARG F 192 23.34 -35.92 -40.22
C ARG F 192 22.48 -35.95 -38.94
N SER F 193 22.26 -34.79 -38.30
CA SER F 193 21.40 -34.69 -37.11
C SER F 193 21.00 -33.24 -36.75
N TYR F 194 19.75 -33.07 -36.33
CA TYR F 194 19.19 -31.79 -35.89
C TYR F 194 19.16 -31.69 -34.38
N SER F 195 18.95 -30.49 -33.84
CA SER F 195 18.98 -30.29 -32.40
C SER F 195 18.23 -29.05 -31.93
N CYS F 196 17.51 -29.22 -30.80
CA CYS F 196 16.77 -28.18 -30.11
C CYS F 196 17.50 -27.78 -28.84
N GLN F 197 17.99 -26.54 -28.77
CA GLN F 197 18.74 -26.02 -27.62
C GLN F 197 18.00 -24.93 -26.84
N VAL F 198 17.39 -25.35 -25.75
CA VAL F 198 16.59 -24.49 -24.88
C VAL F 198 17.41 -23.98 -23.69
N THR F 199 17.68 -22.68 -23.65
CA THR F 199 18.50 -22.12 -22.59
C THR F 199 17.62 -21.41 -21.55
N HIS F 200 17.50 -22.03 -20.36
CA HIS F 200 16.65 -21.55 -19.28
C HIS F 200 17.45 -21.20 -18.03
N GLU F 201 17.55 -19.89 -17.74
CA GLU F 201 18.29 -19.37 -16.59
C GLU F 201 19.75 -19.79 -16.70
N GLY F 202 20.33 -19.62 -17.90
CA GLY F 202 21.71 -20.00 -18.18
C GLY F 202 21.83 -21.44 -18.63
N SER F 203 21.36 -22.39 -17.79
CA SER F 203 21.37 -23.84 -18.01
C SER F 203 20.67 -24.28 -19.34
N THR F 204 21.42 -24.97 -20.23
CA THR F 204 20.89 -25.39 -21.53
C THR F 204 20.47 -26.88 -21.58
N VAL F 205 19.27 -27.16 -22.08
CA VAL F 205 18.73 -28.51 -22.28
C VAL F 205 18.79 -28.78 -23.80
N GLU F 206 19.17 -29.99 -24.23
CA GLU F 206 19.28 -30.30 -25.64
C GLU F 206 18.61 -31.61 -26.02
N LYS F 207 17.98 -31.65 -27.18
CA LYS F 207 17.39 -32.86 -27.72
C LYS F 207 17.79 -32.93 -29.20
N THR F 208 18.10 -34.14 -29.72
CA THR F 208 18.51 -34.28 -31.11
C THR F 208 17.64 -35.27 -31.88
N VAL F 209 17.50 -35.05 -33.17
CA VAL F 209 16.68 -35.92 -34.02
C VAL F 209 17.41 -36.23 -35.32
N ALA F 210 17.47 -37.52 -35.71
CA ALA F 210 18.18 -37.92 -36.93
C ALA F 210 17.23 -38.31 -38.07
N PRO F 211 17.61 -38.02 -39.33
CA PRO F 211 16.71 -38.32 -40.46
C PRO F 211 16.55 -39.78 -40.84
N THR F 212 17.09 -40.72 -40.05
CA THR F 212 16.96 -42.15 -40.38
C THR F 212 15.57 -42.71 -39.99
#